data_4E04
#
_entry.id   4E04
#
_cell.length_a   52.350
_cell.length_b   79.860
_cell.length_c   149.880
_cell.angle_alpha   90.00
_cell.angle_beta   90.00
_cell.angle_gamma   90.00
#
_symmetry.space_group_name_H-M   'P 21 21 21'
#
loop_
_entity.id
_entity.type
_entity.pdbx_description
1 polymer 'Bacteriophytochrome (Light-regulated signal transduction histidine kinase), PhyB1'
2 non-polymer '3-[2-[(Z)-[3-(2-carboxyethyl)-5-[(Z)-(4-ethenyl-3-methyl-5-oxidanylidene-pyrrol-2-ylidene)methyl]-4-methyl-pyrrol-1-ium -2-ylidene]methyl]-5-[(Z)-[(3E)-3-ethylidene-4-methyl-5-oxidanylidene-pyrrolidin-2-ylidene]methyl]-4-methyl-1H-pyrrol-3- yl]propanoic acid'
3 water water
#
_entity_poly.entity_id   1
_entity_poly.type   'polypeptide(L)'
_entity_poly.pdbx_seq_one_letter_code
;MTEGSVARQPDLSTCDDEPIHIPGAIQPHGLLLALAADMTIVAGSDNLPELTGLAIGALIGRSAADVFDSETHNRLTIAL
AEPGAAVGAPIAVGFTMPDGERAFNGSWHRHDQLVFLELEPPQRDVRYPQAFFRSVRSAIRRLQAAETLESACAAAAQEV
REITGFDRVMIYRFASDFSGEVIAEDRCAEVESYLGLHFPASDIPAQARRLYTINPVRIIPDINYRPVPVTPDLNPRTGR
PIDLSFAILRSVSPVHLEYMRNIGMHGTMSISILRGERLWGLIACHHRKPNYVDLEVRQACELVAQVLAWQIGVMEEQAL
EHHHHHH
;
_entity_poly.pdbx_strand_id   A,B
#
loop_
_chem_comp.id
_chem_comp.type
_chem_comp.name
_chem_comp.formula
LBV non-polymer '3-[2-[(Z)-[3-(2-carboxyethyl)-5-[(Z)-(4-ethenyl-3-methyl-5-oxidanylidene-pyrrol-2-ylidene)methyl]-4-methyl-pyrrol-1-ium -2-ylidene]methyl]-5-[(Z)-[(3E)-3-ethylidene-4-methyl-5-oxidanylidene-pyrrolidin-2-ylidene]methyl]-4-methyl-1H-pyrrol-3- yl]propanoic acid' 'C33 H37 N4 O6 1'
#
# COMPACT_ATOMS: atom_id res chain seq x y z
N SER A 13 21.48 22.70 -25.83
CA SER A 13 20.17 22.57 -26.53
C SER A 13 20.25 21.94 -27.92
N THR A 14 20.55 20.64 -27.97
CA THR A 14 20.31 19.83 -29.17
C THR A 14 19.60 18.52 -28.83
N CYS A 15 20.13 17.83 -27.83
CA CYS A 15 19.42 16.69 -27.24
C CYS A 15 18.20 17.19 -26.52
N ASP A 16 18.25 18.46 -26.10
CA ASP A 16 17.13 19.25 -25.59
C ASP A 16 15.96 19.41 -26.54
N ASP A 17 16.24 19.29 -27.82
CA ASP A 17 15.25 19.67 -28.78
C ASP A 17 14.19 18.60 -29.08
N GLU A 18 14.45 17.33 -28.80
CA GLU A 18 13.46 16.29 -29.18
C GLU A 18 12.13 16.53 -28.41
N PRO A 19 11.05 16.69 -29.16
CA PRO A 19 9.76 16.96 -28.54
C PRO A 19 9.20 15.63 -27.96
N ILE A 20 9.76 15.19 -26.84
CA ILE A 20 9.50 13.82 -26.33
C ILE A 20 8.05 13.71 -25.82
N HIS A 21 7.37 14.83 -25.61
CA HIS A 21 6.07 14.83 -24.95
C HIS A 21 4.97 14.64 -25.97
N ILE A 22 5.32 14.79 -27.25
CA ILE A 22 4.42 14.63 -28.38
C ILE A 22 4.87 13.58 -29.42
N PRO A 23 5.06 12.30 -28.99
CA PRO A 23 5.43 11.24 -29.93
C PRO A 23 4.27 10.75 -30.82
N GLY A 24 2.99 11.05 -30.50
CA GLY A 24 1.83 10.58 -31.28
C GLY A 24 1.79 9.05 -31.29
N ALA A 25 2.31 8.45 -30.22
CA ALA A 25 2.30 6.98 -30.11
C ALA A 25 2.46 6.51 -28.66
N ILE A 26 2.04 5.27 -28.40
CA ILE A 26 2.23 4.67 -27.08
C ILE A 26 2.94 3.33 -27.21
N GLN A 27 3.25 2.72 -26.06
CA GLN A 27 3.80 1.41 -26.01
C GLN A 27 2.65 0.38 -26.01
N PRO A 28 2.91 -0.83 -26.53
CA PRO A 28 1.77 -1.66 -26.91
C PRO A 28 1.18 -2.48 -25.75
N HIS A 29 1.72 -2.39 -24.55
CA HIS A 29 1.15 -3.19 -23.43
C HIS A 29 -0.07 -2.59 -22.79
N GLY A 30 -0.58 -1.51 -23.32
CA GLY A 30 -1.84 -1.00 -22.82
C GLY A 30 -2.52 -0.28 -23.96
N LEU A 31 -3.71 0.25 -23.67
CA LEU A 31 -4.36 1.18 -24.61
C LEU A 31 -4.58 2.50 -24.03
N LEU A 32 -4.71 3.50 -24.89
CA LEU A 32 -4.96 4.84 -24.39
C LEU A 32 -6.20 5.43 -25.05
N LEU A 33 -7.03 6.11 -24.25
CA LEU A 33 -8.13 6.85 -24.82
C LEU A 33 -8.02 8.27 -24.33
N ALA A 34 -8.34 9.22 -25.18
CA ALA A 34 -8.37 10.63 -24.73
C ALA A 34 -9.78 11.16 -24.90
N LEU A 35 -10.26 11.86 -23.88
CA LEU A 35 -11.67 12.31 -23.82
C LEU A 35 -11.72 13.81 -23.65
N ALA A 36 -12.75 14.47 -24.21
CA ALA A 36 -12.95 15.89 -23.95
C ALA A 36 -13.55 16.12 -22.53
N ALA A 37 -13.63 17.37 -22.06
CA ALA A 37 -14.11 17.64 -20.70
C ALA A 37 -15.57 17.16 -20.45
N ASP A 38 -16.34 17.02 -21.54
CA ASP A 38 -17.74 16.54 -21.52
C ASP A 38 -17.80 15.03 -21.81
N MET A 39 -16.63 14.36 -21.71
CA MET A 39 -16.52 12.93 -21.84
C MET A 39 -16.68 12.29 -23.23
N THR A 40 -16.72 13.05 -24.31
CA THR A 40 -16.74 12.40 -25.64
C THR A 40 -15.33 11.93 -26.01
N ILE A 41 -15.21 10.83 -26.74
CA ILE A 41 -13.89 10.33 -27.12
C ILE A 41 -13.25 11.22 -28.18
N VAL A 42 -12.06 11.70 -27.90
CA VAL A 42 -11.28 12.55 -28.81
C VAL A 42 -10.33 11.73 -29.69
N ALA A 43 -9.64 10.75 -29.08
CA ALA A 43 -8.60 10.01 -29.76
C ALA A 43 -8.35 8.68 -29.03
N GLY A 44 -7.77 7.74 -29.74
CA GLY A 44 -7.30 6.54 -29.03
C GLY A 44 -6.17 5.85 -29.79
N SER A 45 -5.58 4.87 -29.14
CA SER A 45 -4.45 4.16 -29.70
C SER A 45 -4.89 3.10 -30.71
N ASP A 46 -4.10 2.94 -31.77
CA ASP A 46 -4.48 2.04 -32.87
C ASP A 46 -4.64 0.55 -32.59
N ASN A 47 -4.20 0.11 -31.39
CA ASN A 47 -4.36 -1.24 -30.95
C ASN A 47 -5.75 -1.41 -30.25
N LEU A 48 -6.61 -0.39 -30.27
CA LEU A 48 -8.02 -0.67 -29.76
C LEU A 48 -8.68 -1.91 -30.32
N PRO A 49 -8.66 -2.11 -31.65
CA PRO A 49 -9.34 -3.31 -32.17
C PRO A 49 -8.72 -4.62 -31.60
N GLU A 50 -7.40 -4.69 -31.49
CA GLU A 50 -6.74 -5.95 -31.02
C GLU A 50 -7.06 -6.22 -29.53
N LEU A 51 -7.10 -5.15 -28.75
CA LEU A 51 -7.40 -5.32 -27.31
C LEU A 51 -8.89 -5.35 -26.92
N THR A 52 -9.75 -4.77 -27.77
CA THR A 52 -11.15 -4.63 -27.40
C THR A 52 -12.19 -5.13 -28.43
N GLY A 53 -11.77 -5.38 -29.67
CA GLY A 53 -12.73 -5.59 -30.74
C GLY A 53 -13.39 -4.33 -31.29
N LEU A 54 -13.06 -3.13 -30.79
CA LEU A 54 -13.73 -1.94 -31.30
C LEU A 54 -12.72 -1.13 -32.08
N ALA A 55 -13.16 -0.46 -33.12
CA ALA A 55 -12.32 0.48 -33.89
C ALA A 55 -12.40 1.91 -33.36
N ILE A 56 -11.26 2.59 -33.35
CA ILE A 56 -11.19 4.05 -33.14
C ILE A 56 -12.23 4.79 -33.97
N GLY A 57 -12.35 4.38 -35.25
CA GLY A 57 -13.34 4.94 -36.15
C GLY A 57 -14.77 4.88 -35.62
N ALA A 58 -15.08 3.83 -34.90
CA ALA A 58 -16.41 3.61 -34.31
C ALA A 58 -16.58 4.32 -32.94
N LEU A 59 -15.47 4.86 -32.41
CA LEU A 59 -15.43 5.47 -31.05
C LEU A 59 -15.33 7.00 -31.01
N ILE A 60 -14.61 7.62 -31.96
CA ILE A 60 -14.45 9.11 -31.97
C ILE A 60 -15.79 9.86 -31.91
N GLY A 61 -15.90 10.86 -31.04
CA GLY A 61 -17.17 11.63 -30.85
C GLY A 61 -18.23 10.97 -29.99
N ARG A 62 -18.03 9.69 -29.64
CA ARG A 62 -19.05 9.00 -28.86
C ARG A 62 -18.83 9.26 -27.38
N SER A 63 -19.90 9.22 -26.60
CA SER A 63 -19.74 9.45 -25.18
C SER A 63 -19.04 8.31 -24.46
N ALA A 64 -18.31 8.67 -23.41
CA ALA A 64 -17.83 7.68 -22.40
C ALA A 64 -18.96 6.80 -21.82
N ALA A 65 -20.11 7.37 -21.51
CA ALA A 65 -21.25 6.56 -21.07
C ALA A 65 -21.59 5.48 -22.11
N ASP A 66 -21.81 5.92 -23.35
CA ASP A 66 -22.08 4.97 -24.42
C ASP A 66 -20.96 3.96 -24.61
N VAL A 67 -19.76 4.20 -24.10
CA VAL A 67 -18.64 3.18 -24.26
C VAL A 67 -18.25 2.23 -23.09
N PHE A 68 -18.16 2.74 -21.84
CA PHE A 68 -17.84 1.98 -20.60
C PHE A 68 -19.13 1.55 -19.86
N ASP A 69 -19.04 0.57 -18.94
CA ASP A 69 -20.27 0.17 -18.18
C ASP A 69 -20.66 1.22 -17.15
N SER A 70 -21.88 1.12 -16.56
CA SER A 70 -22.34 2.19 -15.68
C SER A 70 -21.49 2.38 -14.44
N GLU A 71 -20.96 1.28 -13.89
CA GLU A 71 -20.18 1.35 -12.65
C GLU A 71 -18.86 2.08 -12.94
N THR A 72 -18.25 1.76 -14.08
CA THR A 72 -17.04 2.48 -14.55
C THR A 72 -17.26 3.95 -14.76
N HIS A 73 -18.37 4.25 -15.45
CA HIS A 73 -18.77 5.62 -15.73
C HIS A 73 -19.00 6.37 -14.43
N ASN A 74 -19.71 5.76 -13.47
CA ASN A 74 -19.74 6.35 -12.11
C ASN A 74 -18.44 6.62 -11.39
N ARG A 75 -17.58 5.60 -11.34
CA ARG A 75 -16.26 5.72 -10.71
C ARG A 75 -15.51 6.89 -11.32
N LEU A 76 -15.57 6.96 -12.63
CA LEU A 76 -14.77 7.98 -13.31
C LEU A 76 -15.30 9.41 -13.08
N THR A 77 -16.64 9.55 -13.15
CA THR A 77 -17.23 10.88 -12.89
C THR A 77 -16.94 11.33 -11.49
N ILE A 78 -17.01 10.39 -10.55
CA ILE A 78 -16.76 10.70 -9.15
C ILE A 78 -15.30 11.08 -8.94
N ALA A 79 -14.43 10.30 -9.55
CA ALA A 79 -12.99 10.60 -9.41
C ALA A 79 -12.64 12.03 -9.93
N LEU A 80 -13.14 12.36 -11.11
CA LEU A 80 -12.91 13.66 -11.76
C LEU A 80 -13.55 14.83 -11.03
N ALA A 81 -14.65 14.53 -10.33
CA ALA A 81 -15.45 15.53 -9.62
C ALA A 81 -14.86 15.90 -8.29
N GLU A 82 -14.00 15.02 -7.78
CA GLU A 82 -13.39 15.21 -6.49
C GLU A 82 -12.58 16.51 -6.47
N PRO A 83 -12.83 17.36 -5.47
CA PRO A 83 -12.25 18.65 -5.71
C PRO A 83 -10.80 18.63 -5.27
N GLY A 84 -10.08 19.70 -5.61
CA GLY A 84 -8.69 19.86 -5.23
C GLY A 84 -7.70 19.19 -6.17
N ALA A 85 -6.75 18.47 -5.58
CA ALA A 85 -5.53 17.99 -6.23
C ALA A 85 -5.70 16.94 -7.35
N ALA A 86 -4.74 16.02 -7.40
CA ALA A 86 -4.65 14.92 -8.37
C ALA A 86 -4.74 15.32 -9.84
N VAL A 87 -3.57 15.27 -10.48
CA VAL A 87 -3.48 15.13 -11.93
C VAL A 87 -4.26 13.87 -12.38
N GLY A 88 -4.35 12.85 -11.50
CA GLY A 88 -4.95 11.55 -11.77
C GLY A 88 -4.83 10.43 -10.70
N ALA A 89 -5.36 9.25 -11.00
CA ALA A 89 -5.43 8.12 -10.08
C ALA A 89 -5.70 6.85 -10.81
N PRO A 90 -5.50 5.68 -10.14
CA PRO A 90 -5.92 4.40 -10.72
C PRO A 90 -7.45 4.30 -10.81
N ILE A 91 -7.93 3.51 -11.75
CA ILE A 91 -9.40 3.25 -11.84
C ILE A 91 -9.66 1.87 -12.49
N ALA A 92 -10.59 1.07 -11.97
CA ALA A 92 -10.99 -0.19 -12.66
C ALA A 92 -11.97 0.08 -13.77
N VAL A 93 -11.77 -0.55 -14.93
CA VAL A 93 -12.53 -0.17 -16.10
C VAL A 93 -13.16 -1.40 -16.70
N GLY A 94 -14.44 -1.33 -17.12
CA GLY A 94 -15.00 -2.38 -18.01
C GLY A 94 -15.65 -1.76 -19.21
N PHE A 95 -15.53 -2.37 -20.40
CA PHE A 95 -16.34 -1.98 -21.64
C PHE A 95 -17.74 -2.54 -21.82
N THR A 96 -18.65 -1.67 -22.24
CA THR A 96 -19.87 -2.11 -22.88
C THR A 96 -19.44 -2.53 -24.28
N MET A 97 -19.89 -3.70 -24.73
CA MET A 97 -19.71 -4.13 -26.13
C MET A 97 -20.62 -5.30 -26.47
N PRO A 98 -21.21 -5.29 -27.68
CA PRO A 98 -21.95 -6.43 -28.24
C PRO A 98 -21.23 -7.80 -28.05
N ASP A 99 -19.92 -7.83 -28.31
CA ASP A 99 -19.09 -9.05 -28.10
C ASP A 99 -18.90 -9.48 -26.62
N GLY A 100 -19.43 -8.67 -25.69
CA GLY A 100 -19.33 -8.91 -24.27
C GLY A 100 -18.63 -7.77 -23.52
N GLU A 101 -17.93 -8.15 -22.47
CA GLU A 101 -17.26 -7.15 -21.59
C GLU A 101 -15.90 -7.63 -21.10
N ARG A 102 -15.00 -6.68 -20.92
CA ARG A 102 -13.65 -7.02 -20.54
C ARG A 102 -13.24 -6.04 -19.49
N ALA A 103 -12.59 -6.56 -18.45
CA ALA A 103 -12.10 -5.75 -17.34
C ALA A 103 -10.66 -5.22 -17.67
N PHE A 104 -10.34 -3.98 -17.31
CA PHE A 104 -8.94 -3.56 -17.45
C PHE A 104 -8.53 -2.84 -16.18
N ASN A 105 -7.26 -2.90 -15.85
CA ASN A 105 -6.68 -1.99 -14.84
C ASN A 105 -6.35 -0.66 -15.47
N GLY A 106 -6.89 0.39 -14.91
CA GLY A 106 -6.99 1.73 -15.56
C GLY A 106 -6.24 2.73 -14.72
N SER A 107 -5.77 3.82 -15.32
CA SER A 107 -5.54 5.08 -14.57
C SER A 107 -6.11 6.15 -15.43
N TRP A 108 -6.49 7.26 -14.83
CA TRP A 108 -6.89 8.42 -15.60
C TRP A 108 -5.97 9.51 -15.17
N HIS A 109 -5.83 10.51 -16.02
CA HIS A 109 -5.24 11.78 -15.65
C HIS A 109 -5.77 12.87 -16.51
N ARG A 110 -5.57 14.15 -16.13
CA ARG A 110 -5.98 15.26 -16.92
C ARG A 110 -4.76 16.03 -17.31
N HIS A 111 -4.74 16.45 -18.55
CA HIS A 111 -3.61 17.24 -19.04
C HIS A 111 -3.96 17.84 -20.36
N ASP A 112 -3.60 19.13 -20.54
CA ASP A 112 -3.81 19.80 -21.80
C ASP A 112 -5.31 19.80 -22.20
N GLN A 113 -6.17 19.97 -21.20
CA GLN A 113 -7.59 20.12 -21.42
C GLN A 113 -8.18 18.81 -21.98
N LEU A 114 -7.50 17.69 -21.73
CA LEU A 114 -8.04 16.36 -22.03
C LEU A 114 -8.09 15.52 -20.80
N VAL A 115 -8.94 14.49 -20.83
CA VAL A 115 -8.91 13.51 -19.78
C VAL A 115 -8.46 12.22 -20.49
N PHE A 116 -7.44 11.61 -19.98
CA PHE A 116 -6.86 10.37 -20.50
C PHE A 116 -7.23 9.18 -19.65
N LEU A 117 -7.57 8.08 -20.32
CA LEU A 117 -7.56 6.83 -19.69
C LEU A 117 -6.54 5.90 -20.32
N GLU A 118 -5.76 5.26 -19.45
CA GLU A 118 -4.81 4.24 -19.86
C GLU A 118 -5.20 2.95 -19.25
N LEU A 119 -5.26 1.90 -20.04
CA LEU A 119 -5.80 0.67 -19.61
C LEU A 119 -4.85 -0.49 -19.94
N GLU A 120 -4.67 -1.42 -19.00
CA GLU A 120 -3.83 -2.55 -19.26
C GLU A 120 -4.65 -3.77 -19.01
N PRO A 121 -4.56 -4.77 -19.90
CA PRO A 121 -5.20 -6.05 -19.58
C PRO A 121 -4.78 -6.55 -18.21
N PRO A 122 -5.69 -7.23 -17.50
CA PRO A 122 -5.39 -7.70 -16.13
C PRO A 122 -4.19 -8.71 -16.08
N GLN A 123 -3.45 -8.71 -14.96
CA GLN A 123 -2.25 -9.58 -14.75
C GLN A 123 -2.61 -11.05 -14.82
N ARG A 124 -1.82 -11.80 -15.58
CA ARG A 124 -1.97 -13.24 -15.57
C ARG A 124 -0.56 -13.80 -15.39
N ASP A 125 -0.35 -14.46 -14.27
CA ASP A 125 1.00 -14.90 -13.88
C ASP A 125 1.01 -16.26 -13.13
N VAL A 126 2.15 -16.94 -13.21
CA VAL A 126 2.35 -18.20 -12.51
C VAL A 126 3.02 -17.87 -11.15
N ARG A 127 3.63 -16.68 -11.11
CA ARG A 127 4.40 -16.19 -9.97
C ARG A 127 3.50 -15.45 -8.93
N TYR A 128 4.09 -15.17 -7.77
CA TYR A 128 3.39 -14.56 -6.64
C TYR A 128 4.18 -13.25 -6.32
N PRO A 129 3.79 -12.13 -6.99
CA PRO A 129 4.45 -10.84 -6.67
C PRO A 129 4.15 -10.35 -5.23
N GLN A 130 5.04 -9.52 -4.68
CA GLN A 130 4.92 -9.11 -3.26
C GLN A 130 3.85 -8.02 -3.06
N ALA A 131 3.36 -7.88 -1.82
CA ALA A 131 2.20 -7.02 -1.47
C ALA A 131 2.62 -5.58 -1.09
N PHE A 132 1.81 -4.57 -1.44
CA PHE A 132 2.18 -3.15 -1.20
C PHE A 132 2.61 -2.92 0.31
N PHE A 133 1.75 -3.37 1.24
CA PHE A 133 1.94 -2.97 2.63
C PHE A 133 3.14 -3.60 3.23
N ARG A 134 3.20 -4.94 3.20
CA ARG A 134 4.44 -5.58 3.63
C ARG A 134 5.72 -5.02 2.99
N SER A 135 5.68 -4.71 1.71
CA SER A 135 6.89 -4.24 1.06
C SER A 135 7.22 -2.85 1.52
N VAL A 136 6.19 -1.98 1.65
CA VAL A 136 6.55 -0.62 2.15
C VAL A 136 6.96 -0.61 3.62
N ARG A 137 6.27 -1.44 4.44
CA ARG A 137 6.58 -1.49 5.90
C ARG A 137 7.99 -1.87 6.08
N SER A 138 8.35 -2.97 5.41
CA SER A 138 9.77 -3.40 5.42
C SER A 138 10.70 -2.34 4.90
N ALA A 139 10.39 -1.66 3.79
CA ALA A 139 11.32 -0.59 3.30
C ALA A 139 11.51 0.55 4.22
N ILE A 140 10.42 1.09 4.80
CA ILE A 140 10.63 2.12 5.80
C ILE A 140 11.45 1.68 6.97
N ARG A 141 11.25 0.46 7.50
CA ARG A 141 12.09 0.02 8.61
CA ARG A 141 12.08 0.05 8.63
C ARG A 141 13.55 0.14 8.23
N ARG A 142 13.87 -0.41 7.07
CA ARG A 142 15.27 -0.38 6.66
C ARG A 142 15.79 1.05 6.47
N LEU A 143 15.06 1.90 5.73
CA LEU A 143 15.47 3.32 5.56
C LEU A 143 15.69 3.97 6.86
N GLN A 144 14.78 3.74 7.82
CA GLN A 144 14.87 4.34 9.13
C GLN A 144 16.10 3.93 9.89
N ALA A 145 16.52 2.68 9.76
CA ALA A 145 17.74 2.24 10.48
C ALA A 145 19.02 2.85 9.91
N ALA A 146 18.94 3.45 8.71
CA ALA A 146 20.12 3.99 8.05
C ALA A 146 20.55 5.32 8.67
N GLU A 147 21.86 5.53 8.75
CA GLU A 147 22.45 6.71 9.44
C GLU A 147 23.25 7.65 8.54
N THR A 148 23.47 7.24 7.29
CA THR A 148 24.08 8.11 6.30
C THR A 148 23.28 8.11 5.02
N LEU A 149 23.45 9.18 4.26
CA LEU A 149 22.83 9.32 2.99
C LEU A 149 23.13 8.06 2.20
N GLU A 150 24.39 7.63 2.20
CA GLU A 150 24.75 6.52 1.30
C GLU A 150 24.08 5.21 1.72
N SER A 151 23.99 4.99 3.03
CA SER A 151 23.36 3.78 3.49
C SER A 151 21.82 3.88 3.28
N ALA A 152 21.24 5.06 3.47
CA ALA A 152 19.81 5.22 3.21
C ALA A 152 19.52 4.94 1.70
N CYS A 153 20.39 5.44 0.81
CA CYS A 153 20.19 5.16 -0.65
C CYS A 153 20.40 3.67 -0.93
N ALA A 154 21.35 3.02 -0.27
CA ALA A 154 21.57 1.60 -0.54
C ALA A 154 20.41 0.75 -0.05
N ALA A 155 19.90 1.08 1.13
CA ALA A 155 18.67 0.40 1.55
C ALA A 155 17.50 0.58 0.55
N ALA A 156 17.31 1.80 0.05
CA ALA A 156 16.27 2.03 -0.99
C ALA A 156 16.47 1.16 -2.25
N ALA A 157 17.73 1.06 -2.73
CA ALA A 157 18.03 0.31 -3.94
C ALA A 157 17.77 -1.15 -3.65
N GLN A 158 18.17 -1.63 -2.46
CA GLN A 158 17.96 -3.09 -2.12
C GLN A 158 16.49 -3.42 -2.01
N GLU A 159 15.73 -2.54 -1.37
CA GLU A 159 14.23 -2.76 -1.29
C GLU A 159 13.53 -2.73 -2.59
N VAL A 160 13.81 -1.71 -3.42
CA VAL A 160 13.26 -1.68 -4.76
C VAL A 160 13.68 -2.93 -5.58
N ARG A 161 14.96 -3.35 -5.52
CA ARG A 161 15.28 -4.60 -6.19
C ARG A 161 14.50 -5.81 -5.70
N GLU A 162 14.38 -5.95 -4.40
CA GLU A 162 13.60 -7.06 -3.87
C GLU A 162 12.14 -7.09 -4.39
N ILE A 163 11.48 -5.93 -4.42
CA ILE A 163 10.04 -5.76 -4.75
C ILE A 163 9.92 -6.07 -6.24
N THR A 164 10.88 -5.60 -7.04
CA THR A 164 10.76 -5.65 -8.49
C THR A 164 11.36 -6.81 -9.19
N GLY A 165 12.39 -7.43 -8.60
CA GLY A 165 13.21 -8.43 -9.27
C GLY A 165 14.14 -7.89 -10.34
N PHE A 166 14.31 -6.56 -10.46
CA PHE A 166 15.16 -5.99 -11.53
C PHE A 166 16.60 -6.46 -11.34
N ASP A 167 17.35 -6.67 -12.43
CA ASP A 167 18.74 -7.10 -12.32
C ASP A 167 19.60 -6.05 -11.69
N ARG A 168 19.33 -4.77 -11.92
CA ARG A 168 20.17 -3.72 -11.36
C ARG A 168 19.32 -2.52 -10.99
N VAL A 169 19.49 -2.03 -9.78
CA VAL A 169 18.73 -0.88 -9.29
C VAL A 169 19.77 0.07 -8.76
N MET A 170 19.72 1.30 -9.24
CA MET A 170 20.75 2.29 -8.88
C MET A 170 20.12 3.59 -8.38
N ILE A 171 20.78 4.27 -7.46
CA ILE A 171 20.33 5.58 -7.03
C ILE A 171 21.26 6.59 -7.70
N TYR A 172 20.73 7.35 -8.62
CA TYR A 172 21.53 8.27 -9.45
C TYR A 172 21.29 9.66 -8.88
N ARG A 173 22.36 10.30 -8.37
CA ARG A 173 22.22 11.62 -7.81
CA ARG A 173 22.19 11.62 -7.82
C ARG A 173 22.73 12.66 -8.78
N PHE A 174 21.88 13.66 -9.09
CA PHE A 174 22.33 14.78 -9.95
C PHE A 174 23.22 15.78 -9.19
N ALA A 175 24.28 16.22 -9.87
CA ALA A 175 25.08 17.34 -9.41
C ALA A 175 24.40 18.65 -9.82
N SER A 176 24.97 19.79 -9.42
CA SER A 176 24.37 21.06 -9.82
C SER A 176 24.44 21.39 -11.33
N ASP A 177 25.42 20.81 -12.03
CA ASP A 177 25.54 20.89 -13.52
C ASP A 177 24.71 19.83 -14.24
N PHE A 178 23.94 19.10 -13.44
CA PHE A 178 23.05 18.01 -13.90
C PHE A 178 23.69 16.78 -14.56
N SER A 179 25.03 16.69 -14.46
CA SER A 179 25.71 15.41 -14.50
C SER A 179 25.22 14.62 -13.27
N GLY A 180 25.68 13.40 -13.16
CA GLY A 180 25.14 12.51 -12.10
C GLY A 180 26.12 11.42 -11.70
N GLU A 181 25.85 10.79 -10.59
CA GLU A 181 26.74 9.79 -10.10
C GLU A 181 25.89 8.71 -9.51
N VAL A 182 26.26 7.44 -9.75
CA VAL A 182 25.52 6.33 -9.13
C VAL A 182 26.11 6.21 -7.71
N ILE A 183 25.34 6.59 -6.70
CA ILE A 183 25.81 6.65 -5.30
C ILE A 183 25.41 5.41 -4.46
N ALA A 184 24.48 4.59 -4.98
CA ALA A 184 24.18 3.33 -4.35
C ALA A 184 23.63 2.41 -5.39
N GLU A 185 23.75 1.10 -5.14
CA GLU A 185 23.31 0.11 -6.15
C GLU A 185 23.04 -1.22 -5.45
N ASP A 186 22.07 -1.97 -5.99
CA ASP A 186 21.96 -3.39 -5.68
C ASP A 186 21.83 -4.11 -6.98
N ARG A 187 22.53 -5.21 -7.17
CA ARG A 187 22.44 -5.91 -8.46
C ARG A 187 22.64 -7.38 -8.31
N CYS A 188 22.18 -8.14 -9.30
CA CYS A 188 22.53 -9.53 -9.28
C CYS A 188 23.96 -9.71 -9.80
N ALA A 189 24.60 -10.76 -9.37
CA ALA A 189 26.02 -10.99 -9.70
C ALA A 189 26.28 -11.06 -11.23
N GLU A 190 25.23 -11.34 -12.02
CA GLU A 190 25.41 -11.52 -13.46
C GLU A 190 25.58 -10.20 -14.22
N VAL A 191 25.36 -9.06 -13.61
CA VAL A 191 25.46 -7.83 -14.41
C VAL A 191 26.47 -6.85 -13.86
N GLU A 192 26.97 -5.97 -14.68
CA GLU A 192 28.09 -5.19 -14.22
C GLU A 192 27.66 -4.15 -13.19
N SER A 193 28.61 -3.70 -12.38
CA SER A 193 28.30 -2.65 -11.44
C SER A 193 28.55 -1.26 -12.07
N TYR A 194 27.64 -0.33 -11.84
CA TYR A 194 27.80 1.08 -12.18
C TYR A 194 28.13 1.93 -10.95
N LEU A 195 28.33 1.29 -9.79
CA LEU A 195 28.52 2.08 -8.54
C LEU A 195 29.72 3.02 -8.62
N GLY A 196 29.48 4.31 -8.35
CA GLY A 196 30.57 5.33 -8.36
C GLY A 196 30.86 5.99 -9.70
N LEU A 197 30.24 5.50 -10.76
CA LEU A 197 30.39 6.11 -12.10
C LEU A 197 29.58 7.39 -12.18
N HIS A 198 30.14 8.34 -12.92
CA HIS A 198 29.54 9.64 -13.20
C HIS A 198 29.18 9.62 -14.61
N PHE A 199 28.14 10.37 -14.92
CA PHE A 199 27.63 10.41 -16.26
C PHE A 199 27.38 11.85 -16.65
N PRO A 200 27.53 12.18 -17.95
CA PRO A 200 27.34 13.57 -18.27
C PRO A 200 25.85 13.92 -18.34
N ALA A 201 25.57 15.21 -18.27
CA ALA A 201 24.22 15.75 -18.26
C ALA A 201 23.45 15.34 -19.51
N SER A 202 24.12 15.37 -20.67
CA SER A 202 23.58 14.93 -21.96
C SER A 202 22.89 13.55 -21.91
N ASP A 203 23.22 12.69 -20.94
CA ASP A 203 22.61 11.36 -20.86
C ASP A 203 21.12 11.45 -20.53
N ILE A 204 20.72 12.56 -19.94
CA ILE A 204 19.31 12.84 -19.62
C ILE A 204 19.17 14.32 -19.89
N PRO A 205 18.91 14.65 -21.15
CA PRO A 205 18.84 16.03 -21.58
C PRO A 205 17.74 16.89 -20.95
N ALA A 206 17.89 18.21 -21.08
CA ALA A 206 17.05 19.19 -20.35
C ALA A 206 15.57 18.93 -20.44
N GLN A 207 15.03 18.57 -21.61
CA GLN A 207 13.56 18.41 -21.69
C GLN A 207 13.09 17.15 -20.98
N ALA A 208 13.90 16.11 -20.99
CA ALA A 208 13.60 14.93 -20.20
C ALA A 208 13.65 15.30 -18.74
N ARG A 209 14.65 16.06 -18.34
CA ARG A 209 14.74 16.44 -16.94
C ARG A 209 13.51 17.22 -16.46
N ARG A 210 13.04 18.18 -17.27
CA ARG A 210 11.89 18.97 -16.92
C ARG A 210 10.67 18.06 -16.79
N LEU A 211 10.52 17.13 -17.74
CA LEU A 211 9.41 16.20 -17.70
C LEU A 211 9.44 15.40 -16.38
N TYR A 212 10.64 14.97 -15.97
CA TYR A 212 10.82 14.01 -14.90
C TYR A 212 10.69 14.72 -13.52
N THR A 213 10.74 16.05 -13.53
CA THR A 213 10.42 16.85 -12.39
C THR A 213 8.90 16.93 -12.16
N ILE A 214 8.09 16.89 -13.22
CA ILE A 214 6.65 17.02 -12.98
C ILE A 214 5.95 15.66 -13.02
N ASN A 215 6.55 14.69 -13.70
CA ASN A 215 5.93 13.36 -13.81
C ASN A 215 6.92 12.33 -13.28
N PRO A 216 6.70 11.81 -12.04
CA PRO A 216 7.83 11.14 -11.44
C PRO A 216 8.03 9.64 -11.69
N VAL A 217 7.29 9.01 -12.61
CA VAL A 217 7.52 7.58 -12.79
C VAL A 217 7.49 7.29 -14.27
N ARG A 218 8.36 6.40 -14.75
CA ARG A 218 8.50 6.00 -16.19
C ARG A 218 8.79 4.57 -16.26
N ILE A 219 8.16 3.81 -17.19
CA ILE A 219 8.46 2.42 -17.29
C ILE A 219 8.49 2.03 -18.76
N ILE A 220 9.53 1.25 -19.18
CA ILE A 220 9.60 0.79 -20.58
C ILE A 220 9.86 -0.72 -20.44
N PRO A 221 8.81 -1.50 -20.38
CA PRO A 221 9.01 -2.91 -20.15
C PRO A 221 9.81 -3.60 -21.20
N ASP A 222 9.70 -3.19 -22.46
CA ASP A 222 10.49 -3.80 -23.54
C ASP A 222 11.00 -2.74 -24.47
N ILE A 223 12.33 -2.46 -24.48
CA ILE A 223 12.81 -1.36 -25.26
C ILE A 223 12.72 -1.62 -26.75
N ASN A 224 12.40 -2.86 -27.18
CA ASN A 224 12.23 -3.09 -28.62
C ASN A 224 10.77 -3.13 -29.11
N TYR A 225 9.84 -2.60 -28.33
CA TYR A 225 8.45 -2.36 -28.76
C TYR A 225 8.22 -1.63 -30.09
N ARG A 226 7.19 -2.06 -30.81
CA ARG A 226 6.75 -1.41 -32.05
C ARG A 226 5.76 -0.36 -31.47
N PRO A 227 6.05 0.96 -31.62
CA PRO A 227 5.17 2.02 -31.22
C PRO A 227 3.80 1.90 -31.87
N VAL A 228 2.78 2.27 -31.10
CA VAL A 228 1.39 2.20 -31.51
C VAL A 228 0.84 3.63 -31.64
N PRO A 229 0.50 4.08 -32.87
CA PRO A 229 0.00 5.43 -33.12
C PRO A 229 -1.27 5.71 -32.29
N VAL A 230 -1.33 6.92 -31.75
CA VAL A 230 -2.55 7.54 -31.27
C VAL A 230 -3.27 8.29 -32.38
N THR A 231 -4.56 8.01 -32.65
CA THR A 231 -5.37 8.62 -33.77
C THR A 231 -6.63 9.24 -33.28
N PRO A 232 -7.02 10.44 -33.77
CA PRO A 232 -6.23 11.38 -34.58
C PRO A 232 -5.16 11.91 -33.65
N ASP A 233 -3.96 12.26 -34.17
CA ASP A 233 -2.96 12.93 -33.27
C ASP A 233 -3.10 14.45 -33.26
N LEU A 234 -4.27 14.91 -32.85
CA LEU A 234 -4.62 16.31 -32.95
C LEU A 234 -5.67 16.59 -31.89
N ASN A 235 -5.28 17.46 -30.99
CA ASN A 235 -6.13 17.96 -29.95
C ASN A 235 -7.06 19.08 -30.50
N PRO A 236 -8.40 18.89 -30.38
CA PRO A 236 -9.45 19.70 -31.02
C PRO A 236 -9.53 21.08 -30.43
N ARG A 237 -8.96 21.23 -29.25
CA ARG A 237 -9.00 22.47 -28.51
C ARG A 237 -7.86 23.37 -28.87
N THR A 238 -6.84 22.78 -29.50
CA THR A 238 -5.47 23.27 -29.38
C THR A 238 -4.80 23.26 -30.75
N GLY A 239 -5.35 22.43 -31.66
CA GLY A 239 -4.78 22.25 -33.01
C GLY A 239 -3.33 21.79 -33.04
N ARG A 240 -2.84 21.26 -31.91
CA ARG A 240 -1.50 20.71 -31.88
CA ARG A 240 -1.48 20.73 -31.75
C ARG A 240 -1.58 19.23 -31.52
N PRO A 241 -0.44 18.49 -31.67
CA PRO A 241 -0.44 17.06 -31.33
C PRO A 241 -0.79 16.81 -29.89
N ILE A 242 -1.35 15.64 -29.63
CA ILE A 242 -1.67 15.28 -28.24
C ILE A 242 -0.46 15.18 -27.31
N ASP A 243 -0.51 15.99 -26.29
CA ASP A 243 0.48 16.02 -25.31
C ASP A 243 0.31 14.85 -24.33
N LEU A 244 1.18 13.86 -24.52
CA LEU A 244 1.27 12.64 -23.67
C LEU A 244 2.24 12.71 -22.46
N SER A 245 2.57 13.89 -21.92
CA SER A 245 3.57 13.97 -20.85
C SER A 245 3.25 13.15 -19.62
N PHE A 246 1.95 13.08 -19.29
CA PHE A 246 1.52 12.34 -18.10
C PHE A 246 1.01 10.94 -18.39
N ALA A 247 1.14 10.50 -19.64
CA ALA A 247 0.76 9.15 -20.01
C ALA A 247 1.87 8.16 -19.62
N ILE A 248 1.58 7.21 -18.72
CA ILE A 248 2.57 6.15 -18.39
C ILE A 248 2.90 5.24 -19.62
N LEU A 249 1.99 5.19 -20.60
CA LEU A 249 2.21 4.48 -21.86
C LEU A 249 2.95 5.23 -22.98
N ARG A 250 3.28 6.48 -22.73
CA ARG A 250 3.89 7.28 -23.77
C ARG A 250 5.05 6.55 -24.42
N SER A 251 5.14 6.69 -25.73
CA SER A 251 6.25 6.10 -26.47
C SER A 251 7.48 7.01 -26.27
N VAL A 252 8.60 6.39 -25.96
CA VAL A 252 9.77 7.17 -25.47
C VAL A 252 10.78 7.39 -26.60
N SER A 253 11.64 8.35 -26.38
CA SER A 253 12.64 8.66 -27.37
C SER A 253 13.43 7.46 -27.87
N PRO A 254 13.46 7.28 -29.17
CA PRO A 254 14.16 6.10 -29.73
C PRO A 254 15.69 6.18 -29.52
N VAL A 255 16.18 7.39 -29.20
CA VAL A 255 17.59 7.63 -28.90
C VAL A 255 17.85 6.99 -27.54
N HIS A 256 16.92 7.18 -26.59
CA HIS A 256 17.11 6.57 -25.29
C HIS A 256 16.95 5.07 -25.44
N LEU A 257 16.01 4.60 -26.28
CA LEU A 257 15.92 3.15 -26.52
C LEU A 257 17.21 2.50 -27.01
N GLU A 258 17.89 3.16 -27.94
CA GLU A 258 19.08 2.64 -28.45
C GLU A 258 20.22 2.68 -27.39
N TYR A 259 20.24 3.73 -26.57
CA TYR A 259 21.14 3.85 -25.37
C TYR A 259 21.06 2.57 -24.48
N MET A 260 19.85 2.09 -24.21
CA MET A 260 19.70 0.85 -23.45
C MET A 260 20.06 -0.44 -24.20
N ARG A 261 19.78 -0.45 -25.49
CA ARG A 261 20.02 -1.59 -26.32
C ARG A 261 21.54 -1.80 -26.27
N ASN A 262 22.23 -0.66 -26.24
CA ASN A 262 23.70 -0.62 -26.25
C ASN A 262 24.37 -1.13 -24.98
N ILE A 263 23.66 -1.09 -23.87
CA ILE A 263 24.15 -1.65 -22.61
C ILE A 263 23.46 -2.99 -22.27
N GLY A 264 22.74 -3.56 -23.24
CA GLY A 264 22.13 -4.87 -23.11
C GLY A 264 20.99 -4.92 -22.11
N MET A 265 20.33 -3.80 -21.84
CA MET A 265 19.26 -3.90 -20.84
C MET A 265 17.90 -3.60 -21.50
N HIS A 266 17.01 -4.58 -21.58
CA HIS A 266 15.82 -4.45 -22.46
C HIS A 266 14.58 -4.10 -21.69
N GLY A 267 14.70 -4.00 -20.37
CA GLY A 267 13.55 -3.53 -19.56
C GLY A 267 14.05 -2.41 -18.66
N THR A 268 13.33 -1.30 -18.52
CA THR A 268 13.79 -0.27 -17.54
C THR A 268 12.65 0.41 -16.84
N MET A 269 12.93 0.99 -15.68
CA MET A 269 11.90 1.78 -14.95
C MET A 269 12.69 2.79 -14.19
N SER A 270 12.25 4.04 -14.16
CA SER A 270 12.86 4.99 -13.21
C SER A 270 11.86 5.80 -12.43
N ILE A 271 12.23 6.21 -11.21
CA ILE A 271 11.31 6.97 -10.40
C ILE A 271 12.07 8.21 -9.99
N SER A 272 11.49 9.42 -10.15
CA SER A 272 12.14 10.65 -9.64
C SER A 272 12.23 10.75 -8.13
N ILE A 273 13.37 11.28 -7.67
CA ILE A 273 13.53 11.59 -6.27
C ILE A 273 13.42 13.11 -6.21
N LEU A 274 12.29 13.60 -5.68
CA LEU A 274 12.03 15.04 -5.71
C LEU A 274 12.28 15.67 -4.36
N ARG A 275 12.97 16.79 -4.36
CA ARG A 275 13.17 17.62 -3.15
C ARG A 275 12.50 18.98 -3.35
N GLY A 276 11.28 19.05 -2.83
CA GLY A 276 10.36 20.12 -3.20
C GLY A 276 10.16 20.12 -4.69
N GLU A 277 10.67 21.15 -5.34
CA GLU A 277 10.53 21.29 -6.78
C GLU A 277 11.73 20.73 -7.53
N ARG A 278 12.80 20.37 -6.83
CA ARG A 278 14.06 20.05 -7.50
C ARG A 278 14.19 18.57 -7.82
N LEU A 279 14.59 18.24 -9.05
CA LEU A 279 14.89 16.87 -9.37
C LEU A 279 16.21 16.52 -8.73
N TRP A 280 16.15 15.75 -7.64
CA TRP A 280 17.35 15.47 -6.86
C TRP A 280 18.14 14.31 -7.45
N GLY A 281 17.45 13.31 -7.94
CA GLY A 281 18.09 12.13 -8.45
C GLY A 281 17.00 11.21 -8.99
N LEU A 282 17.42 9.99 -9.33
CA LEU A 282 16.51 8.93 -9.85
C LEU A 282 16.78 7.64 -9.11
N ILE A 283 15.71 6.88 -8.85
CA ILE A 283 15.86 5.42 -8.74
C ILE A 283 15.79 4.82 -10.17
N ALA A 284 16.90 4.29 -10.71
CA ALA A 284 16.99 3.81 -12.11
C ALA A 284 17.07 2.29 -12.03
N CYS A 285 16.22 1.61 -12.81
CA CYS A 285 16.18 0.15 -12.70
C CYS A 285 16.42 -0.45 -14.09
N HIS A 286 17.34 -1.45 -14.23
CA HIS A 286 17.68 -2.09 -15.49
C HIS A 286 17.44 -3.56 -15.42
N HIS A 287 16.94 -4.13 -16.53
CA HIS A 287 16.75 -5.58 -16.57
C HIS A 287 17.28 -6.04 -17.86
N ARG A 288 17.95 -7.21 -17.91
CA ARG A 288 18.45 -7.65 -19.25
C ARG A 288 17.30 -7.99 -20.20
N LYS A 289 16.29 -8.65 -19.67
CA LYS A 289 15.15 -9.07 -20.47
C LYS A 289 14.05 -8.07 -20.22
N PRO A 290 13.03 -8.05 -21.09
CA PRO A 290 11.84 -7.16 -20.85
C PRO A 290 11.30 -7.41 -19.44
N ASN A 291 10.77 -6.37 -18.78
CA ASN A 291 10.28 -6.58 -17.41
C ASN A 291 9.00 -5.78 -17.23
N TYR A 292 7.90 -6.52 -17.15
CA TYR A 292 6.54 -5.89 -17.09
C TYR A 292 6.27 -5.73 -15.57
N VAL A 293 6.25 -4.51 -15.09
CA VAL A 293 6.19 -4.35 -13.58
C VAL A 293 4.72 -4.33 -13.12
N ASP A 294 4.40 -5.23 -12.19
CA ASP A 294 3.07 -5.28 -11.51
C ASP A 294 2.64 -3.88 -11.03
N LEU A 295 1.35 -3.63 -11.07
CA LEU A 295 0.90 -2.33 -10.78
C LEU A 295 1.12 -2.01 -9.27
N GLU A 296 0.85 -2.97 -8.40
CA GLU A 296 1.02 -2.79 -6.92
C GLU A 296 2.54 -2.42 -6.69
N VAL A 297 3.38 -3.07 -7.48
CA VAL A 297 4.86 -2.82 -7.42
C VAL A 297 5.29 -1.44 -7.71
N ARG A 298 4.88 -0.90 -8.87
CA ARG A 298 5.17 0.46 -9.20
CA ARG A 298 5.07 0.46 -9.27
C ARG A 298 4.71 1.45 -8.12
N GLN A 299 3.49 1.27 -7.56
CA GLN A 299 3.09 2.11 -6.42
C GLN A 299 4.01 1.97 -5.20
N ALA A 300 4.44 0.76 -4.87
CA ALA A 300 5.33 0.60 -3.68
C ALA A 300 6.64 1.31 -3.94
N CYS A 301 7.19 1.15 -5.18
CA CYS A 301 8.47 1.83 -5.60
C CYS A 301 8.31 3.35 -5.50
N GLU A 302 7.18 3.89 -5.98
CA GLU A 302 6.88 5.32 -5.83
C GLU A 302 6.90 5.80 -4.37
N LEU A 303 6.27 5.03 -3.48
CA LEU A 303 6.24 5.38 -2.05
C LEU A 303 7.65 5.32 -1.46
N VAL A 304 8.44 4.29 -1.82
CA VAL A 304 9.89 4.22 -1.40
C VAL A 304 10.58 5.54 -1.81
N ALA A 305 10.40 5.95 -3.06
CA ALA A 305 11.03 7.20 -3.52
C ALA A 305 10.60 8.44 -2.73
N GLN A 306 9.31 8.50 -2.34
CA GLN A 306 8.79 9.64 -1.60
C GLN A 306 9.37 9.65 -0.19
N VAL A 307 9.47 8.47 0.43
CA VAL A 307 9.98 8.39 1.82
C VAL A 307 11.52 8.63 1.82
N LEU A 308 12.21 8.10 0.81
CA LEU A 308 13.66 8.41 0.66
C LEU A 308 13.89 9.94 0.54
N ALA A 309 13.12 10.60 -0.31
CA ALA A 309 13.26 12.06 -0.51
C ALA A 309 13.03 12.81 0.77
N TRP A 310 12.10 12.31 1.57
CA TRP A 310 11.90 12.92 2.88
C TRP A 310 13.10 12.76 3.76
N GLN A 311 13.66 11.56 3.75
CA GLN A 311 14.79 11.25 4.55
C GLN A 311 16.01 12.03 4.11
N ILE A 312 16.16 12.17 2.80
CA ILE A 312 17.29 12.96 2.25
C ILE A 312 17.16 14.37 2.77
N GLY A 313 15.92 14.88 2.77
CA GLY A 313 15.61 16.20 3.31
C GLY A 313 15.96 16.36 4.77
N VAL A 314 15.56 15.39 5.60
CA VAL A 314 15.95 15.40 7.00
C VAL A 314 17.47 15.47 7.16
N MET A 315 18.19 14.51 6.57
CA MET A 315 19.66 14.57 6.55
C MET A 315 20.24 15.89 6.02
N GLU A 316 19.55 16.56 5.08
CA GLU A 316 19.94 17.93 4.72
C GLU A 316 19.89 18.91 5.91
N GLU A 317 18.91 18.75 6.80
CA GLU A 317 19.05 19.09 8.24
CA GLU A 317 19.10 19.13 8.22
C GLU A 317 18.18 20.16 8.88
N GLN A 318 16.88 20.22 8.54
CA GLN A 318 15.90 21.09 9.31
C GLN A 318 14.61 21.65 8.62
N ALA A 319 14.30 22.93 8.91
CA ALA A 319 13.05 23.64 8.50
C ALA A 319 13.31 25.09 8.03
N LEU A 320 13.19 25.31 6.71
CA LEU A 320 13.51 26.60 6.07
C LEU A 320 12.48 27.69 6.40
N ASP B 11 -9.08 -2.46 44.65
CA ASP B 11 -10.47 -2.91 44.30
C ASP B 11 -11.23 -1.86 43.49
N LEU B 12 -10.99 -1.82 42.18
CA LEU B 12 -10.12 -2.79 41.49
C LEU B 12 -8.62 -2.38 41.46
N SER B 13 -7.77 -3.28 41.96
CA SER B 13 -6.29 -3.20 41.88
C SER B 13 -5.72 -4.56 41.40
N THR B 14 -6.65 -5.41 41.00
CA THR B 14 -6.36 -6.69 40.38
C THR B 14 -6.01 -6.50 38.85
N CYS B 15 -5.74 -5.26 38.40
CA CYS B 15 -5.74 -4.88 36.94
C CYS B 15 -4.73 -5.67 36.06
N ASP B 16 -3.45 -5.50 36.42
CA ASP B 16 -2.25 -6.19 35.87
C ASP B 16 -2.32 -7.73 35.83
N ASP B 17 -3.24 -8.35 36.63
CA ASP B 17 -3.35 -9.82 36.83
C ASP B 17 -4.19 -10.62 35.80
N GLU B 18 -5.13 -9.98 35.11
CA GLU B 18 -5.97 -10.73 34.18
C GLU B 18 -5.16 -11.33 32.98
N PRO B 19 -5.30 -12.67 32.70
CA PRO B 19 -4.46 -13.15 31.62
C PRO B 19 -5.22 -12.94 30.29
N ILE B 20 -5.12 -11.70 29.79
CA ILE B 20 -5.84 -11.28 28.59
C ILE B 20 -5.39 -12.00 27.31
N HIS B 21 -4.20 -12.61 27.34
CA HIS B 21 -3.68 -13.29 26.18
C HIS B 21 -4.21 -14.69 26.00
N ILE B 22 -4.91 -15.24 27.01
CA ILE B 22 -5.43 -16.64 26.93
C ILE B 22 -6.93 -16.73 27.20
N PRO B 23 -7.74 -15.99 26.42
CA PRO B 23 -9.23 -15.93 26.78
C PRO B 23 -9.95 -17.21 26.28
N GLY B 24 -9.27 -18.04 25.48
CA GLY B 24 -9.86 -19.22 24.82
C GLY B 24 -11.06 -18.96 23.92
N ALA B 25 -11.10 -17.80 23.29
CA ALA B 25 -12.27 -17.35 22.54
C ALA B 25 -11.91 -16.19 21.64
N ILE B 26 -12.72 -16.00 20.59
CA ILE B 26 -12.47 -14.88 19.68
C ILE B 26 -13.78 -14.09 19.54
N GLN B 27 -13.66 -12.93 18.88
CA GLN B 27 -14.82 -12.17 18.39
C GLN B 27 -15.47 -12.85 17.15
N PRO B 28 -16.80 -12.81 17.05
CA PRO B 28 -17.57 -13.63 16.12
C PRO B 28 -17.49 -13.21 14.66
N HIS B 29 -16.87 -12.09 14.34
CA HIS B 29 -16.86 -11.64 12.96
C HIS B 29 -15.82 -12.30 12.07
N GLY B 30 -14.93 -13.14 12.62
CA GLY B 30 -14.12 -14.00 11.77
C GLY B 30 -14.00 -15.39 12.36
N LEU B 31 -13.14 -16.22 11.78
CA LEU B 31 -12.87 -17.59 12.18
C LEU B 31 -11.38 -17.70 12.43
N LEU B 32 -11.02 -18.66 13.29
CA LEU B 32 -9.60 -18.81 13.59
C LEU B 32 -9.27 -20.29 13.48
N LEU B 33 -8.15 -20.60 12.84
CA LEU B 33 -7.66 -21.97 12.91
C LEU B 33 -6.25 -21.90 13.47
N ALA B 34 -5.89 -22.88 14.29
CA ALA B 34 -4.52 -23.04 14.82
C ALA B 34 -4.00 -24.31 14.21
N LEU B 35 -2.83 -24.20 13.57
CA LEU B 35 -2.17 -25.32 12.85
C LEU B 35 -0.87 -25.69 13.50
N ALA B 36 -0.53 -26.98 13.52
CA ALA B 36 0.85 -27.38 13.76
C ALA B 36 1.73 -27.00 12.54
N ALA B 37 3.06 -27.05 12.75
CA ALA B 37 4.03 -26.73 11.66
C ALA B 37 3.77 -27.53 10.36
N ASP B 38 3.28 -28.75 10.50
CA ASP B 38 3.00 -29.60 9.34
C ASP B 38 1.59 -29.44 8.77
N MET B 39 0.92 -28.42 9.27
CA MET B 39 -0.37 -27.94 8.81
C MET B 39 -1.50 -28.75 9.31
N THR B 40 -1.28 -29.68 10.25
CA THR B 40 -2.49 -30.30 10.80
C THR B 40 -3.29 -29.28 11.63
N ILE B 41 -4.62 -29.32 11.56
CA ILE B 41 -5.43 -28.42 12.37
C ILE B 41 -5.46 -28.97 13.76
N VAL B 42 -5.09 -28.11 14.71
CA VAL B 42 -5.04 -28.50 16.10
C VAL B 42 -6.19 -27.89 16.93
N ALA B 43 -6.76 -26.78 16.46
CA ALA B 43 -7.84 -26.12 17.21
C ALA B 43 -8.54 -25.20 16.29
N GLY B 44 -9.78 -24.83 16.64
CA GLY B 44 -10.50 -23.95 15.72
C GLY B 44 -11.61 -23.26 16.49
N SER B 45 -12.05 -22.10 15.97
CA SER B 45 -13.20 -21.42 16.55
C SER B 45 -14.51 -22.16 16.31
N ASP B 46 -15.43 -22.08 17.29
CA ASP B 46 -16.65 -22.90 17.24
C ASP B 46 -17.59 -22.48 16.12
N ASN B 47 -17.30 -21.36 15.44
CA ASN B 47 -18.15 -20.84 14.33
C ASN B 47 -17.75 -21.36 12.94
N LEU B 48 -16.77 -22.29 12.95
CA LEU B 48 -16.26 -22.94 11.74
C LEU B 48 -17.31 -23.72 10.98
N PRO B 49 -18.29 -24.32 11.69
CA PRO B 49 -19.42 -24.86 10.90
C PRO B 49 -20.27 -23.85 10.13
N GLU B 50 -20.61 -22.72 10.77
CA GLU B 50 -21.50 -21.73 10.17
C GLU B 50 -20.87 -21.08 8.96
N LEU B 51 -20.15 -19.99 9.21
CA LEU B 51 -19.47 -19.25 8.14
C LEU B 51 -18.80 -20.18 7.09
N THR B 52 -18.61 -21.47 7.43
CA THR B 52 -17.84 -22.39 6.57
C THR B 52 -18.17 -23.89 6.67
N GLY B 53 -17.29 -24.66 7.30
CA GLY B 53 -17.22 -26.11 7.07
C GLY B 53 -18.34 -26.90 7.71
N LEU B 54 -18.08 -27.29 8.97
CA LEU B 54 -18.93 -28.20 9.77
C LEU B 54 -18.19 -29.52 10.10
N ALA B 55 -17.60 -29.68 11.30
CA ALA B 55 -17.64 -28.77 12.44
C ALA B 55 -16.51 -29.15 13.41
N ILE B 56 -15.62 -28.20 13.73
CA ILE B 56 -14.39 -28.37 14.61
C ILE B 56 -13.93 -29.81 14.88
N GLY B 57 -14.64 -30.53 15.74
CA GLY B 57 -14.35 -31.94 15.98
C GLY B 57 -14.16 -32.68 14.65
N ALA B 58 -14.61 -32.03 13.58
CA ALA B 58 -14.56 -32.55 12.20
C ALA B 58 -13.33 -32.10 11.45
N LEU B 59 -12.88 -30.88 11.70
CA LEU B 59 -11.59 -30.42 11.14
C LEU B 59 -10.35 -30.81 11.98
N ILE B 60 -10.52 -30.98 13.29
CA ILE B 60 -9.37 -31.32 14.19
C ILE B 60 -8.67 -32.60 13.73
N GLY B 61 -7.37 -32.47 13.50
CA GLY B 61 -6.54 -33.53 13.00
C GLY B 61 -6.48 -33.59 11.48
N ARG B 62 -7.34 -32.87 10.77
CA ARG B 62 -7.26 -32.83 9.30
C ARG B 62 -6.17 -31.87 8.90
N SER B 63 -5.56 -32.08 7.73
CA SER B 63 -4.57 -31.13 7.20
C SER B 63 -5.30 -29.89 6.69
N ALA B 64 -4.81 -28.68 7.03
CA ALA B 64 -5.43 -27.45 6.53
C ALA B 64 -5.38 -27.44 5.04
N ALA B 65 -4.35 -28.06 4.46
CA ALA B 65 -4.28 -28.23 3.03
C ALA B 65 -5.45 -29.05 2.37
N ASP B 66 -6.19 -29.85 3.12
CA ASP B 66 -7.33 -30.55 2.48
C ASP B 66 -8.56 -29.74 2.76
N VAL B 67 -8.33 -28.58 3.31
CA VAL B 67 -9.42 -27.75 3.74
C VAL B 67 -9.46 -26.53 2.84
N PHE B 68 -8.32 -25.87 2.63
CA PHE B 68 -8.33 -24.73 1.71
C PHE B 68 -7.83 -25.03 0.31
N ASP B 69 -7.91 -24.02 -0.55
CA ASP B 69 -7.42 -23.97 -1.94
C ASP B 69 -6.03 -24.46 -2.18
N SER B 70 -5.81 -24.95 -3.39
CA SER B 70 -4.43 -25.20 -3.83
C SER B 70 -3.61 -23.89 -3.83
N GLU B 71 -4.20 -22.80 -4.33
CA GLU B 71 -3.47 -21.52 -4.31
C GLU B 71 -3.18 -21.07 -2.90
N THR B 72 -4.12 -21.33 -2.00
CA THR B 72 -3.90 -20.86 -0.61
C THR B 72 -2.75 -21.65 0.07
N HIS B 73 -2.72 -22.94 -0.20
CA HIS B 73 -1.66 -23.76 0.39
C HIS B 73 -0.32 -23.30 -0.13
N ASN B 74 -0.26 -23.02 -1.44
CA ASN B 74 1.03 -22.54 -1.99
C ASN B 74 1.44 -21.21 -1.37
N ARG B 75 0.53 -20.25 -1.39
CA ARG B 75 0.81 -18.95 -0.76
C ARG B 75 1.26 -19.09 0.70
N LEU B 76 0.63 -19.99 1.45
CA LEU B 76 1.05 -20.14 2.89
C LEU B 76 2.46 -20.77 2.99
N THR B 77 2.78 -21.74 2.15
CA THR B 77 4.10 -22.41 2.22
C THR B 77 5.20 -21.38 1.87
N ILE B 78 4.93 -20.55 0.86
CA ILE B 78 5.86 -19.47 0.44
C ILE B 78 6.06 -18.53 1.63
N ALA B 79 4.95 -18.08 2.21
CA ALA B 79 4.98 -17.11 3.30
C ALA B 79 5.73 -17.64 4.48
N LEU B 80 5.47 -18.90 4.82
CA LEU B 80 6.16 -19.51 5.99
C LEU B 80 7.61 -19.83 5.73
N ALA B 81 8.01 -20.00 4.47
CA ALA B 81 9.42 -20.27 4.18
C ALA B 81 10.21 -18.95 4.14
N GLU B 82 9.53 -17.82 3.98
CA GLU B 82 10.22 -16.52 3.81
C GLU B 82 11.09 -16.29 5.03
N PRO B 83 12.44 -16.30 4.87
CA PRO B 83 13.30 -16.18 6.05
C PRO B 83 13.16 -14.79 6.71
N GLY B 84 13.59 -14.67 7.95
CA GLY B 84 13.30 -13.48 8.77
C GLY B 84 11.90 -13.64 9.30
N ALA B 85 11.78 -13.90 10.60
CA ALA B 85 10.49 -14.19 11.24
C ALA B 85 9.28 -13.47 10.62
N ALA B 86 9.12 -12.19 10.96
CA ALA B 86 7.85 -11.46 10.82
C ALA B 86 6.78 -12.13 11.68
N VAL B 87 5.95 -11.32 12.34
CA VAL B 87 4.73 -11.88 12.92
C VAL B 87 3.55 -11.85 11.93
N GLY B 88 3.71 -12.73 10.95
CA GLY B 88 2.71 -13.03 9.97
C GLY B 88 2.39 -11.87 9.06
N ALA B 89 1.28 -11.98 8.38
CA ALA B 89 0.97 -11.09 7.26
C ALA B 89 -0.35 -11.46 6.68
N PRO B 90 -0.89 -10.58 5.83
CA PRO B 90 -2.10 -10.92 5.05
C PRO B 90 -1.83 -12.07 4.11
N ILE B 91 -2.92 -12.80 3.82
CA ILE B 91 -2.92 -13.91 2.89
C ILE B 91 -4.31 -14.09 2.34
N ALA B 92 -4.41 -14.17 1.02
CA ALA B 92 -5.77 -14.45 0.46
C ALA B 92 -6.14 -15.94 0.63
N VAL B 93 -7.34 -16.20 1.13
CA VAL B 93 -7.73 -17.56 1.46
C VAL B 93 -8.99 -17.91 0.72
N GLY B 94 -9.06 -19.15 0.23
CA GLY B 94 -10.27 -19.65 -0.40
C GLY B 94 -10.50 -21.09 0.00
N PHE B 95 -11.76 -21.50 0.16
CA PHE B 95 -12.08 -22.93 0.23
C PHE B 95 -12.95 -23.28 -0.97
N THR B 96 -12.94 -24.57 -1.31
CA THR B 96 -14.04 -25.18 -2.07
C THR B 96 -14.50 -26.41 -1.29
N MET B 97 -15.81 -26.49 -1.02
CA MET B 97 -16.37 -27.53 -0.14
C MET B 97 -17.43 -28.41 -0.86
N PRO B 98 -18.24 -29.21 -0.11
CA PRO B 98 -19.36 -29.89 -0.78
C PRO B 98 -20.32 -28.90 -1.46
N ASP B 99 -20.23 -27.63 -1.07
CA ASP B 99 -21.14 -26.60 -1.51
C ASP B 99 -20.68 -25.87 -2.81
N GLY B 100 -19.81 -24.84 -2.75
CA GLY B 100 -19.20 -24.29 -1.53
C GLY B 100 -17.87 -23.59 -1.75
N GLU B 101 -17.91 -22.41 -2.38
CA GLU B 101 -16.66 -21.68 -2.68
C GLU B 101 -16.65 -20.27 -2.13
N ARG B 102 -15.84 -20.06 -1.09
CA ARG B 102 -15.76 -18.76 -0.42
C ARG B 102 -14.34 -18.23 -0.36
N ALA B 103 -14.19 -16.92 -0.58
CA ALA B 103 -12.92 -16.19 -0.40
C ALA B 103 -12.86 -15.42 0.94
N PHE B 104 -11.73 -15.42 1.63
CA PHE B 104 -11.65 -14.64 2.87
C PHE B 104 -10.38 -13.83 2.80
N ASN B 105 -10.43 -12.64 3.43
CA ASN B 105 -9.23 -11.96 3.84
C ASN B 105 -8.60 -12.68 4.99
N GLY B 106 -7.46 -13.29 4.76
CA GLY B 106 -6.78 -14.04 5.79
C GLY B 106 -5.62 -13.26 6.28
N SER B 107 -5.22 -13.54 7.50
CA SER B 107 -3.90 -13.20 8.00
C SER B 107 -3.38 -14.36 8.77
N TRP B 108 -2.12 -14.64 8.57
CA TRP B 108 -1.50 -15.68 9.34
C TRP B 108 -0.54 -15.07 10.25
N HIS B 109 -0.15 -15.85 11.26
CA HIS B 109 0.94 -15.51 12.15
C HIS B 109 1.48 -16.74 12.84
N ARG B 110 2.73 -16.66 13.32
CA ARG B 110 3.35 -17.72 14.11
C ARG B 110 3.47 -17.29 15.55
N HIS B 111 3.06 -18.16 16.48
CA HIS B 111 3.24 -17.87 17.94
C HIS B 111 3.07 -19.09 18.76
N ASP B 112 3.86 -19.30 19.83
CA ASP B 112 3.52 -20.37 20.79
C ASP B 112 3.75 -21.73 20.04
N GLN B 113 4.59 -21.71 19.00
CA GLN B 113 4.86 -22.90 18.16
C GLN B 113 3.68 -23.40 17.30
N LEU B 114 2.73 -22.53 17.09
CA LEU B 114 1.61 -22.85 16.19
C LEU B 114 1.63 -21.81 15.05
N VAL B 115 0.98 -22.17 13.93
CA VAL B 115 0.69 -21.25 12.86
C VAL B 115 -0.80 -20.99 12.95
N PHE B 116 -1.14 -19.74 13.03
CA PHE B 116 -2.57 -19.29 13.11
C PHE B 116 -3.07 -18.74 11.83
N LEU B 117 -4.27 -19.10 11.47
CA LEU B 117 -4.87 -18.49 10.34
C LEU B 117 -6.16 -17.86 10.79
N GLU B 118 -6.27 -16.55 10.64
CA GLU B 118 -7.53 -15.84 10.81
C GLU B 118 -8.14 -15.37 9.56
N LEU B 119 -9.45 -15.55 9.50
CA LEU B 119 -10.22 -15.29 8.30
C LEU B 119 -11.29 -14.27 8.64
N GLU B 120 -11.30 -13.23 7.81
CA GLU B 120 -12.37 -12.26 7.85
C GLU B 120 -13.06 -12.17 6.50
N PRO B 121 -14.41 -12.23 6.48
CA PRO B 121 -15.12 -12.10 5.21
C PRO B 121 -14.88 -10.72 4.68
N PRO B 122 -14.68 -10.60 3.35
CA PRO B 122 -14.32 -9.28 2.82
C PRO B 122 -15.51 -8.32 2.91
N GLN B 123 -15.30 -7.17 3.57
CA GLN B 123 -16.34 -6.18 3.93
C GLN B 123 -16.41 -5.06 2.88
N ARG B 124 -16.96 -3.89 3.25
CA ARG B 124 -16.95 -2.62 2.47
C ARG B 124 -17.22 -2.68 0.96
N ASP B 125 -16.95 -3.83 0.35
CA ASP B 125 -17.40 -4.19 -1.03
C ASP B 125 -16.76 -3.40 -2.19
N VAL B 126 -15.45 -3.20 -2.11
CA VAL B 126 -14.60 -2.51 -3.12
C VAL B 126 -14.78 -0.95 -3.24
N ARG B 127 -13.72 -0.18 -2.99
CA ARG B 127 -12.35 -0.65 -2.63
C ARG B 127 -11.55 -1.42 -3.73
N TYR B 128 -11.34 -0.75 -4.87
CA TYR B 128 -10.32 -1.14 -5.87
C TYR B 128 -8.92 -0.99 -5.26
N PRO B 129 -8.15 -2.09 -5.16
CA PRO B 129 -6.94 -1.87 -4.34
C PRO B 129 -5.92 -0.83 -4.91
N GLN B 130 -5.82 -0.73 -6.25
CA GLN B 130 -4.82 0.16 -6.84
C GLN B 130 -5.23 1.61 -6.41
N ALA B 131 -6.52 1.91 -6.46
CA ALA B 131 -6.98 3.27 -6.06
C ALA B 131 -6.72 3.57 -4.54
N PHE B 132 -6.88 2.54 -3.71
CA PHE B 132 -6.66 2.62 -2.28
C PHE B 132 -5.15 2.82 -2.02
N PHE B 133 -4.28 2.06 -2.72
CA PHE B 133 -2.80 2.28 -2.51
C PHE B 133 -2.40 3.74 -2.81
N ARG B 134 -2.87 4.25 -3.96
CA ARG B 134 -2.61 5.65 -4.39
C ARG B 134 -3.07 6.62 -3.28
N SER B 135 -4.26 6.40 -2.71
CA SER B 135 -4.77 7.33 -1.71
C SER B 135 -3.91 7.22 -0.43
N VAL B 136 -3.47 6.02 -0.15
CA VAL B 136 -2.52 5.80 1.03
C VAL B 136 -1.24 6.62 0.80
N ARG B 137 -0.70 6.57 -0.44
CA ARG B 137 0.51 7.37 -0.71
C ARG B 137 0.28 8.85 -0.48
N SER B 138 -0.92 9.31 -0.90
CA SER B 138 -1.23 10.71 -0.72
C SER B 138 -1.38 11.10 0.77
N ALA B 139 -2.00 10.21 1.52
CA ALA B 139 -2.08 10.42 2.95
C ALA B 139 -0.70 10.53 3.61
N ILE B 140 0.20 9.64 3.20
CA ILE B 140 1.60 9.65 3.73
C ILE B 140 2.29 10.95 3.34
N ARG B 141 2.05 11.43 2.10
CA ARG B 141 2.65 12.69 1.74
C ARG B 141 2.21 13.84 2.64
N ARG B 142 0.90 13.87 3.00
CA ARG B 142 0.40 15.03 3.79
C ARG B 142 0.98 14.96 5.16
N LEU B 143 1.13 13.73 5.68
CA LEU B 143 1.65 13.53 7.01
C LEU B 143 3.12 13.95 7.07
N GLN B 144 3.90 13.49 6.08
CA GLN B 144 5.33 13.85 6.03
C GLN B 144 5.62 15.31 5.80
N ALA B 145 4.61 16.05 5.36
CA ALA B 145 4.80 17.50 5.21
C ALA B 145 4.58 18.28 6.52
N ALA B 146 4.02 17.63 7.55
CA ALA B 146 3.94 18.31 8.88
C ALA B 146 5.35 18.47 9.47
N GLU B 147 5.58 19.58 10.16
CA GLU B 147 6.90 19.99 10.65
C GLU B 147 6.95 20.27 12.16
N THR B 148 5.84 20.06 12.88
CA THR B 148 5.88 20.09 14.39
C THR B 148 5.23 18.84 14.97
N LEU B 149 5.46 18.60 16.23
CA LEU B 149 4.88 17.38 16.84
C LEU B 149 3.33 17.44 16.80
N GLU B 150 2.72 18.52 17.28
CA GLU B 150 1.24 18.58 17.27
C GLU B 150 0.73 18.46 15.86
N SER B 151 1.40 19.09 14.90
CA SER B 151 0.76 19.06 13.56
C SER B 151 0.87 17.74 12.84
N ALA B 152 1.99 17.06 13.06
CA ALA B 152 2.20 15.67 12.59
C ALA B 152 1.15 14.80 13.23
N CYS B 153 1.02 14.91 14.57
CA CYS B 153 -0.07 14.13 15.27
C CYS B 153 -1.48 14.43 14.75
N ALA B 154 -1.81 15.71 14.52
CA ALA B 154 -3.11 16.03 13.97
C ALA B 154 -3.32 15.49 12.57
N ALA B 155 -2.25 15.54 11.74
CA ALA B 155 -2.33 15.04 10.36
C ALA B 155 -2.54 13.57 10.40
N ALA B 156 -1.82 12.89 11.33
CA ALA B 156 -2.01 11.45 11.50
C ALA B 156 -3.45 11.15 11.89
N ALA B 157 -4.01 11.87 12.82
CA ALA B 157 -5.40 11.56 13.28
C ALA B 157 -6.42 11.84 12.13
N GLN B 158 -6.22 12.95 11.42
CA GLN B 158 -7.08 13.28 10.23
C GLN B 158 -7.02 12.21 9.16
N GLU B 159 -5.82 11.73 8.83
CA GLU B 159 -5.74 10.69 7.83
C GLU B 159 -6.42 9.39 8.22
N VAL B 160 -6.18 8.95 9.46
CA VAL B 160 -6.79 7.75 9.97
C VAL B 160 -8.32 7.95 9.98
N ARG B 161 -8.79 9.10 10.41
CA ARG B 161 -10.22 9.32 10.43
C ARG B 161 -10.82 9.22 9.01
N GLU B 162 -10.14 9.86 8.06
CA GLU B 162 -10.56 9.81 6.66
C GLU B 162 -10.70 8.39 6.13
N ILE B 163 -9.72 7.54 6.37
CA ILE B 163 -9.78 6.23 5.82
C ILE B 163 -10.70 5.25 6.58
N THR B 164 -10.95 5.51 7.89
CA THR B 164 -11.69 4.53 8.66
C THR B 164 -13.14 4.97 8.96
N GLY B 165 -13.41 6.26 8.87
CA GLY B 165 -14.77 6.84 9.11
C GLY B 165 -15.07 6.92 10.61
N PHE B 166 -14.08 6.67 11.48
CA PHE B 166 -14.31 6.69 12.93
C PHE B 166 -14.79 8.06 13.40
N ASP B 167 -15.74 8.06 14.31
CA ASP B 167 -16.27 9.28 14.89
C ASP B 167 -15.22 10.20 15.55
N ARG B 168 -14.26 9.59 16.26
CA ARG B 168 -13.26 10.34 17.02
C ARG B 168 -11.93 9.56 16.97
N VAL B 169 -10.89 10.20 16.44
CA VAL B 169 -9.55 9.64 16.37
C VAL B 169 -8.64 10.56 17.19
N MET B 170 -7.90 9.96 18.16
CA MET B 170 -7.10 10.65 19.16
C MET B 170 -5.64 10.18 19.15
N ILE B 171 -4.71 11.13 19.29
CA ILE B 171 -3.34 10.75 19.45
C ILE B 171 -3.03 10.79 20.96
N TYR B 172 -2.82 9.62 21.58
CA TYR B 172 -2.64 9.57 23.04
C TYR B 172 -1.16 9.37 23.33
N ARG B 173 -0.55 10.31 24.04
CA ARG B 173 0.87 10.24 24.30
C ARG B 173 1.12 9.78 25.70
N PHE B 174 1.94 8.74 25.85
CA PHE B 174 2.33 8.27 27.22
C PHE B 174 3.37 9.13 27.87
N ALA B 175 3.20 9.39 29.18
CA ALA B 175 4.22 10.08 29.94
C ALA B 175 5.18 9.01 30.46
N SER B 176 6.25 9.42 31.11
CA SER B 176 7.19 8.41 31.66
C SER B 176 6.63 7.43 32.69
N ASP B 177 5.51 7.77 33.36
CA ASP B 177 4.89 6.75 34.24
C ASP B 177 3.71 6.00 33.58
N PHE B 178 3.59 6.13 32.27
CA PHE B 178 2.50 5.48 31.49
C PHE B 178 1.11 6.00 31.76
N SER B 179 1.05 7.08 32.54
CA SER B 179 -0.16 7.93 32.43
C SER B 179 -0.10 8.53 31.00
N GLY B 180 -1.15 9.22 30.57
CA GLY B 180 -1.16 9.75 29.18
C GLY B 180 -2.05 10.98 29.02
N GLU B 181 -1.91 11.61 27.84
CA GLU B 181 -2.67 12.79 27.46
C GLU B 181 -3.05 12.71 25.99
N VAL B 182 -4.23 13.22 25.65
CA VAL B 182 -4.65 13.34 24.24
C VAL B 182 -4.08 14.60 23.69
N ILE B 183 -3.16 14.47 22.76
CA ILE B 183 -2.46 15.63 22.29
C ILE B 183 -2.93 16.10 20.94
N ALA B 184 -3.69 15.27 20.21
CA ALA B 184 -4.25 15.70 18.95
C ALA B 184 -5.50 14.90 18.75
N GLU B 185 -6.41 15.43 17.92
CA GLU B 185 -7.70 14.76 17.75
C GLU B 185 -8.33 15.14 16.45
N ASP B 186 -9.04 14.25 15.78
CA ASP B 186 -9.93 14.63 14.69
C ASP B 186 -11.26 13.92 14.93
N ARG B 187 -12.35 14.65 14.98
CA ARG B 187 -13.63 14.01 15.29
C ARG B 187 -14.81 14.68 14.58
N CYS B 188 -15.89 13.93 14.48
CA CYS B 188 -17.24 14.46 14.10
C CYS B 188 -17.70 15.42 15.16
N ALA B 189 -18.36 16.52 14.74
CA ALA B 189 -18.75 17.58 15.66
C ALA B 189 -19.82 17.13 16.66
N GLU B 190 -20.52 16.05 16.34
CA GLU B 190 -21.54 15.53 17.24
C GLU B 190 -20.97 14.86 18.49
N VAL B 191 -19.72 14.36 18.44
CA VAL B 191 -19.12 13.74 19.65
C VAL B 191 -18.29 14.76 20.48
N GLU B 192 -18.12 14.46 21.77
CA GLU B 192 -17.28 15.20 22.70
C GLU B 192 -15.77 15.19 22.28
N SER B 193 -15.07 16.30 22.50
CA SER B 193 -13.62 16.34 22.34
C SER B 193 -12.93 15.78 23.56
N TYR B 194 -11.87 14.96 23.37
CA TYR B 194 -11.05 14.52 24.50
C TYR B 194 -9.69 15.26 24.50
N LEU B 195 -9.56 16.30 23.66
CA LEU B 195 -8.27 16.97 23.50
C LEU B 195 -7.78 17.62 24.81
N GLY B 196 -6.52 17.38 25.21
CA GLY B 196 -6.04 17.99 26.45
C GLY B 196 -6.32 17.18 27.70
N LEU B 197 -7.11 16.11 27.56
CA LEU B 197 -7.49 15.30 28.71
C LEU B 197 -6.35 14.35 29.08
N HIS B 198 -6.21 14.13 30.38
CA HIS B 198 -5.20 13.24 30.99
C HIS B 198 -5.87 12.05 31.60
N PHE B 199 -5.19 10.89 31.55
CA PHE B 199 -5.74 9.64 31.96
C PHE B 199 -4.63 8.98 32.76
N PRO B 200 -5.01 8.30 33.86
CA PRO B 200 -3.99 7.57 34.64
C PRO B 200 -3.45 6.31 33.99
N ALA B 201 -2.27 5.91 34.44
CA ALA B 201 -1.65 4.64 33.97
C ALA B 201 -2.59 3.41 34.03
N SER B 202 -3.45 3.31 35.07
CA SER B 202 -4.23 2.09 35.30
C SER B 202 -5.36 1.87 34.27
N ASP B 203 -5.68 2.90 33.49
CA ASP B 203 -6.56 2.75 32.33
C ASP B 203 -6.05 1.75 31.28
N ILE B 204 -4.71 1.60 31.15
CA ILE B 204 -4.12 0.56 30.30
C ILE B 204 -3.06 -0.14 31.15
N PRO B 205 -3.46 -1.23 31.80
CA PRO B 205 -2.63 -1.83 32.84
C PRO B 205 -1.42 -2.52 32.23
N ALA B 206 -0.49 -2.93 33.10
CA ALA B 206 0.86 -3.26 32.59
C ALA B 206 0.88 -4.41 31.56
N GLN B 207 0.02 -5.40 31.77
CA GLN B 207 0.02 -6.60 30.87
C GLN B 207 -0.57 -6.21 29.50
N ALA B 208 -1.48 -5.24 29.49
CA ALA B 208 -1.94 -4.69 28.18
C ALA B 208 -0.87 -3.89 27.48
N ARG B 209 -0.17 -3.02 28.23
CA ARG B 209 0.89 -2.26 27.61
C ARG B 209 1.95 -3.17 27.03
N ARG B 210 2.26 -4.28 27.73
CA ARG B 210 3.24 -5.21 27.18
C ARG B 210 2.75 -5.78 25.84
N LEU B 211 1.49 -6.19 25.86
CA LEU B 211 0.89 -6.81 24.66
C LEU B 211 0.93 -5.79 23.52
N TYR B 212 0.71 -4.51 23.87
CA TYR B 212 0.55 -3.48 22.82
C TYR B 212 1.91 -2.97 22.31
N THR B 213 2.95 -3.36 23.02
CA THR B 213 4.28 -3.08 22.54
C THR B 213 4.72 -4.11 21.51
N ILE B 214 4.29 -5.34 21.65
CA ILE B 214 4.73 -6.42 20.73
C ILE B 214 3.76 -6.63 19.59
N ASN B 215 2.48 -6.24 19.79
CA ASN B 215 1.44 -6.42 18.80
C ASN B 215 0.74 -5.06 18.62
N PRO B 216 1.07 -4.36 17.52
CA PRO B 216 0.70 -2.94 17.51
C PRO B 216 -0.66 -2.59 16.96
N VAL B 217 -1.54 -3.57 16.67
CA VAL B 217 -2.86 -3.21 16.10
C VAL B 217 -3.93 -3.98 16.84
N ARG B 218 -5.06 -3.33 17.19
CA ARG B 218 -6.15 -4.13 17.75
C ARG B 218 -7.43 -3.52 17.30
N ILE B 219 -8.45 -4.35 17.16
CA ILE B 219 -9.78 -3.76 16.77
C ILE B 219 -10.87 -4.51 17.48
N ILE B 220 -11.83 -3.78 17.97
CA ILE B 220 -13.04 -4.40 18.58
C ILE B 220 -14.24 -3.71 17.88
N PRO B 221 -14.75 -4.32 16.79
CA PRO B 221 -15.69 -3.55 15.99
C PRO B 221 -17.03 -3.35 16.68
N ASP B 222 -17.41 -4.27 17.56
CA ASP B 222 -18.67 -4.16 18.33
C ASP B 222 -18.39 -4.65 19.72
N ILE B 223 -18.40 -3.72 20.66
CA ILE B 223 -18.04 -4.09 22.01
C ILE B 223 -19.07 -5.03 22.63
N ASN B 224 -20.23 -5.21 22.01
CA ASN B 224 -21.28 -6.01 22.66
C ASN B 224 -21.32 -7.47 22.15
N TYR B 225 -20.26 -7.90 21.47
CA TYR B 225 -20.21 -9.21 20.83
C TYR B 225 -20.31 -10.33 21.82
N ARG B 226 -20.75 -11.51 21.36
CA ARG B 226 -20.69 -12.71 22.17
C ARG B 226 -19.47 -13.56 21.81
N PRO B 227 -18.57 -13.83 22.77
CA PRO B 227 -17.35 -14.57 22.42
C PRO B 227 -17.63 -15.95 21.82
N VAL B 228 -16.76 -16.38 20.90
CA VAL B 228 -16.84 -17.71 20.29
C VAL B 228 -15.66 -18.46 20.83
N PRO B 229 -15.91 -19.60 21.45
CA PRO B 229 -14.76 -20.35 21.94
C PRO B 229 -13.89 -20.98 20.87
N VAL B 230 -12.61 -21.14 21.22
CA VAL B 230 -11.63 -21.87 20.44
C VAL B 230 -11.52 -23.26 21.06
N THR B 231 -11.68 -24.29 20.23
CA THR B 231 -11.74 -25.65 20.77
C THR B 231 -10.86 -26.58 19.98
N PRO B 232 -10.10 -27.41 20.69
CA PRO B 232 -9.80 -27.39 22.13
C PRO B 232 -8.94 -26.16 22.49
N ASP B 233 -9.12 -25.62 23.67
CA ASP B 233 -8.28 -24.48 24.04
C ASP B 233 -7.03 -24.97 24.76
N LEU B 234 -6.17 -25.62 23.97
CA LEU B 234 -5.07 -26.34 24.50
C LEU B 234 -4.09 -26.47 23.39
N ASN B 235 -2.92 -25.91 23.60
CA ASN B 235 -1.90 -25.96 22.60
C ASN B 235 -1.26 -27.34 22.81
N PRO B 236 -1.24 -28.23 21.79
CA PRO B 236 -0.54 -29.54 22.02
C PRO B 236 0.96 -29.37 22.30
N ARG B 237 1.57 -28.29 21.84
CA ARG B 237 2.99 -28.04 22.06
C ARG B 237 3.30 -27.65 23.52
N THR B 238 2.29 -27.28 24.30
CA THR B 238 2.56 -26.80 25.67
C THR B 238 1.67 -27.52 26.66
N GLY B 239 0.52 -28.05 26.26
CA GLY B 239 -0.39 -28.64 27.26
C GLY B 239 -1.06 -27.55 28.10
N ARG B 240 -1.01 -26.32 27.58
CA ARG B 240 -1.65 -25.19 28.24
CA ARG B 240 -1.67 -25.19 28.23
C ARG B 240 -2.53 -24.43 27.21
N PRO B 241 -3.37 -23.46 27.70
CA PRO B 241 -4.29 -22.72 26.83
C PRO B 241 -3.55 -22.06 25.71
N ILE B 242 -4.26 -21.89 24.60
CA ILE B 242 -3.60 -21.33 23.43
C ILE B 242 -3.38 -19.85 23.59
N ASP B 243 -2.13 -19.41 23.39
CA ASP B 243 -1.78 -17.99 23.50
C ASP B 243 -2.18 -17.23 22.23
N LEU B 244 -3.23 -16.40 22.40
CA LEU B 244 -3.86 -15.62 21.32
C LEU B 244 -3.33 -14.20 21.23
N SER B 245 -2.18 -13.96 21.82
CA SER B 245 -1.58 -12.55 21.82
C SER B 245 -1.53 -11.90 20.47
N PHE B 246 -1.23 -12.66 19.44
CA PHE B 246 -1.13 -12.09 18.08
C PHE B 246 -2.33 -12.22 17.19
N ALA B 247 -3.44 -12.73 17.73
CA ALA B 247 -4.62 -12.90 17.01
C ALA B 247 -5.48 -11.61 17.00
N ILE B 248 -5.75 -11.13 15.79
CA ILE B 248 -6.53 -9.92 15.60
C ILE B 248 -7.95 -10.18 16.16
N LEU B 249 -8.39 -11.44 16.08
CA LEU B 249 -9.75 -11.76 16.54
C LEU B 249 -9.85 -12.07 18.03
N ARG B 250 -8.75 -11.96 18.77
CA ARG B 250 -8.72 -12.31 20.21
C ARG B 250 -9.90 -11.64 21.00
N SER B 251 -10.62 -12.41 21.80
CA SER B 251 -11.66 -11.81 22.63
C SER B 251 -10.94 -10.98 23.74
N VAL B 252 -11.40 -9.78 23.99
CA VAL B 252 -10.68 -8.86 24.93
C VAL B 252 -11.26 -8.88 26.35
N SER B 253 -10.52 -8.24 27.25
CA SER B 253 -10.94 -8.11 28.66
C SER B 253 -12.36 -7.55 28.79
N PRO B 254 -13.22 -8.26 29.54
CA PRO B 254 -14.55 -7.66 29.76
C PRO B 254 -14.52 -6.24 30.43
N VAL B 255 -13.47 -5.96 31.22
CA VAL B 255 -13.34 -4.68 31.97
C VAL B 255 -13.21 -3.51 30.96
N HIS B 256 -12.42 -3.75 29.93
CA HIS B 256 -12.31 -2.75 28.88
C HIS B 256 -13.64 -2.58 28.19
N LEU B 257 -14.37 -3.65 27.90
CA LEU B 257 -15.64 -3.53 27.17
C LEU B 257 -16.64 -2.73 28.02
N GLU B 258 -16.67 -3.03 29.33
CA GLU B 258 -17.52 -2.20 30.25
C GLU B 258 -17.15 -0.70 30.21
N TYR B 259 -15.86 -0.40 30.29
CA TYR B 259 -15.27 0.95 30.14
C TYR B 259 -15.72 1.64 28.84
N MET B 260 -15.78 0.87 27.74
CA MET B 260 -16.25 1.45 26.47
C MET B 260 -17.75 1.72 26.46
N ARG B 261 -18.50 0.80 27.02
CA ARG B 261 -19.95 0.94 27.12
C ARG B 261 -20.25 2.20 27.96
N ASN B 262 -19.47 2.36 29.01
CA ASN B 262 -19.58 3.51 29.90
C ASN B 262 -19.41 4.86 29.19
N ILE B 263 -18.65 4.96 28.12
CA ILE B 263 -18.48 6.25 27.44
C ILE B 263 -19.27 6.28 26.13
N GLY B 264 -20.12 5.29 25.90
CA GLY B 264 -21.01 5.28 24.73
C GLY B 264 -20.41 5.07 23.34
N MET B 265 -19.27 4.37 23.26
CA MET B 265 -18.59 4.06 21.97
C MET B 265 -18.53 2.57 21.77
N HIS B 266 -19.34 2.07 20.83
CA HIS B 266 -19.46 0.61 20.58
C HIS B 266 -18.51 0.00 19.62
N GLY B 267 -17.73 0.85 18.98
CA GLY B 267 -16.67 0.39 18.03
C GLY B 267 -15.34 1.02 18.43
N THR B 268 -14.20 0.25 18.46
CA THR B 268 -12.97 0.89 18.85
C THR B 268 -11.83 0.22 18.08
N MET B 269 -10.77 0.98 17.86
CA MET B 269 -9.52 0.40 17.28
C MET B 269 -8.39 1.23 17.82
N SER B 270 -7.25 0.59 18.09
CA SER B 270 -6.09 1.43 18.35
C SER B 270 -4.84 0.89 17.72
N ILE B 271 -3.94 1.78 17.37
CA ILE B 271 -2.65 1.40 16.75
C ILE B 271 -1.54 1.92 17.61
N SER B 272 -0.58 1.11 18.00
CA SER B 272 0.53 1.57 18.82
C SER B 272 1.46 2.41 18.01
N ILE B 273 1.98 3.44 18.64
CA ILE B 273 2.98 4.29 18.04
C ILE B 273 4.29 3.86 18.75
N LEU B 274 5.12 3.15 17.98
CA LEU B 274 6.39 2.60 18.51
C LEU B 274 7.61 3.39 18.01
N ARG B 275 8.26 4.01 18.98
CA ARG B 275 9.37 4.91 18.79
C ARG B 275 10.49 4.03 19.14
N GLY B 276 11.10 3.46 18.12
CA GLY B 276 12.10 2.40 18.33
C GLY B 276 11.38 1.16 18.78
N GLU B 277 11.83 0.56 19.88
CA GLU B 277 11.12 -0.62 20.40
C GLU B 277 10.26 -0.24 21.63
N ARG B 278 9.99 1.05 21.76
CA ARG B 278 9.36 1.61 22.94
C ARG B 278 7.93 2.15 22.60
N LEU B 279 6.99 1.93 23.51
CA LEU B 279 5.60 2.38 23.35
C LEU B 279 5.40 3.88 23.64
N TRP B 280 5.42 4.70 22.61
CA TRP B 280 5.39 6.17 22.80
C TRP B 280 3.96 6.67 23.03
N GLY B 281 3.00 6.00 22.44
CA GLY B 281 1.59 6.43 22.51
C GLY B 281 0.72 5.58 21.60
N LEU B 282 -0.54 5.99 21.41
CA LEU B 282 -1.50 5.20 20.61
C LEU B 282 -2.25 6.15 19.68
N ILE B 283 -2.67 5.61 18.52
CA ILE B 283 -3.72 6.28 17.77
C ILE B 283 -4.97 5.56 18.22
N ALA B 284 -5.87 6.22 18.93
CA ALA B 284 -7.01 5.57 19.57
C ALA B 284 -8.28 6.06 18.81
N CYS B 285 -9.21 5.14 18.50
CA CYS B 285 -10.28 5.49 17.60
C CYS B 285 -11.52 4.99 18.25
N HIS B 286 -12.52 5.84 18.33
CA HIS B 286 -13.82 5.46 18.91
C HIS B 286 -14.95 5.73 17.94
N HIS B 287 -15.91 4.81 17.87
CA HIS B 287 -17.12 5.02 17.04
C HIS B 287 -18.35 4.80 17.88
N ARG B 288 -19.42 5.55 17.61
CA ARG B 288 -20.61 5.42 18.41
C ARG B 288 -21.28 4.07 18.20
N LYS B 289 -21.47 3.71 16.94
CA LYS B 289 -21.87 2.32 16.67
C LYS B 289 -20.72 1.44 16.27
N PRO B 290 -21.02 0.15 16.07
CA PRO B 290 -20.00 -0.83 15.58
C PRO B 290 -19.41 -0.33 14.25
N ASN B 291 -18.12 -0.60 14.11
CA ASN B 291 -17.39 -0.14 12.96
C ASN B 291 -16.37 -1.22 12.58
N TYR B 292 -16.69 -1.97 11.52
CA TYR B 292 -15.74 -3.04 11.07
C TYR B 292 -14.75 -2.41 10.12
N VAL B 293 -13.48 -2.66 10.32
CA VAL B 293 -12.42 -2.08 9.44
C VAL B 293 -11.66 -3.21 8.78
N ASP B 294 -11.69 -3.24 7.46
CA ASP B 294 -10.96 -4.26 6.69
C ASP B 294 -9.46 -4.28 6.95
N LEU B 295 -8.86 -5.46 6.79
CA LEU B 295 -7.42 -5.67 6.90
C LEU B 295 -6.58 -4.65 6.13
N GLU B 296 -6.98 -4.34 4.89
CA GLU B 296 -6.28 -3.35 4.07
C GLU B 296 -6.29 -1.98 4.76
N VAL B 297 -7.44 -1.57 5.30
CA VAL B 297 -7.50 -0.27 5.95
C VAL B 297 -6.69 -0.26 7.27
N ARG B 298 -6.74 -1.35 8.04
CA ARG B 298 -5.88 -1.49 9.25
C ARG B 298 -4.40 -1.38 8.89
N GLN B 299 -4.06 -1.96 7.74
CA GLN B 299 -2.65 -1.86 7.29
C GLN B 299 -2.23 -0.45 7.00
N ALA B 300 -3.10 0.32 6.35
CA ALA B 300 -2.85 1.75 6.04
C ALA B 300 -2.71 2.51 7.36
N CYS B 301 -3.59 2.20 8.31
CA CYS B 301 -3.44 2.88 9.63
C CYS B 301 -2.10 2.51 10.35
N GLU B 302 -1.71 1.26 10.35
CA GLU B 302 -0.36 0.88 10.82
C GLU B 302 0.72 1.65 10.12
N LEU B 303 0.68 1.83 8.80
CA LEU B 303 1.71 2.54 8.06
C LEU B 303 1.76 4.01 8.52
N VAL B 304 0.59 4.60 8.69
CA VAL B 304 0.52 5.93 9.27
C VAL B 304 1.25 6.01 10.64
N ALA B 305 1.00 5.07 11.55
CA ALA B 305 1.62 5.14 12.84
C ALA B 305 3.12 4.95 12.69
N GLN B 306 3.52 4.10 11.71
CA GLN B 306 4.96 3.90 11.50
C GLN B 306 5.70 5.16 10.99
N VAL B 307 5.08 5.84 10.03
CA VAL B 307 5.66 7.05 9.53
C VAL B 307 5.64 8.13 10.66
N LEU B 308 4.50 8.26 11.35
CA LEU B 308 4.41 9.24 12.48
C LEU B 308 5.50 8.99 13.51
N ALA B 309 5.69 7.73 13.95
CA ALA B 309 6.84 7.34 14.86
C ALA B 309 8.21 7.78 14.39
N TRP B 310 8.48 7.59 13.10
CA TRP B 310 9.71 8.05 12.51
C TRP B 310 9.84 9.59 12.59
N GLN B 311 8.80 10.31 12.28
CA GLN B 311 8.79 11.75 12.40
CA GLN B 311 8.89 11.74 12.40
C GLN B 311 9.06 12.22 13.84
N ILE B 312 8.37 11.57 14.76
CA ILE B 312 8.51 11.91 16.18
C ILE B 312 9.99 11.76 16.58
N GLY B 313 10.60 10.61 16.21
CA GLY B 313 12.04 10.42 16.42
C GLY B 313 12.96 11.48 15.83
N VAL B 314 12.68 11.85 14.57
CA VAL B 314 13.49 12.93 13.95
C VAL B 314 13.34 14.19 14.79
N MET B 315 12.12 14.48 15.22
CA MET B 315 11.89 15.73 15.97
C MET B 315 12.54 15.71 17.35
N GLU B 316 12.52 14.55 17.97
CA GLU B 316 13.20 14.31 19.26
C GLU B 316 14.72 14.43 19.11
N GLU B 317 15.29 13.95 18.01
CA GLU B 317 16.73 14.12 17.80
C GLU B 317 17.09 15.58 17.55
N GLN B 318 16.13 16.34 17.02
CA GLN B 318 16.27 17.81 16.95
C GLN B 318 16.21 18.40 18.37
N ALA B 319 17.36 18.88 18.83
CA ALA B 319 17.62 19.23 20.24
C ALA B 319 18.40 18.07 20.89
N LEU B 320 19.69 17.94 20.56
CA LEU B 320 20.38 18.79 19.56
C LEU B 320 20.84 18.00 18.33
C1A LBV C . 22.06 10.08 -24.41
C1B LBV C . 17.60 10.75 -23.75
O1B LBV C . 11.31 10.00 -21.74
C1C LBV C . 16.89 8.72 -19.81
O1C LBV C . 14.96 4.32 -18.84
C1D LBV C . 20.64 6.92 -17.33
C2A LBV C . 22.46 10.88 -25.60
C2B LBV C . 16.20 11.17 -24.03
O2B LBV C . 11.11 9.91 -23.90
C2C LBV C . 16.28 8.06 -18.62
O2C LBV C . 14.42 5.23 -16.85
C2D LBV C . 22.00 7.17 -16.84
C3A LBV C . 21.05 11.28 -25.78
C3B LBV C . 15.45 10.64 -22.90
C3C LBV C . 17.45 7.64 -17.86
C3D LBV C . 22.25 5.94 -16.03
C4A LBV C . 20.10 10.82 -24.75
C4B LBV C . 16.48 10.00 -22.09
C4C LBV C . 18.62 8.00 -18.75
C4D LBV C . 21.02 5.13 -16.21
CAA LBV C . 20.58 12.19 -26.84
CAB LBV C . 13.97 10.79 -22.68
CAC LBV C . 14.83 7.85 -18.17
CAD LBV C . 23.47 5.50 -15.30
CBA LBV C . 21.42 13.35 -27.35
CBB LBV C . 13.27 9.44 -22.94
CBC LBV C . 14.19 6.57 -18.82
CBD LBV C . 23.44 5.23 -14.01
CGB LBV C . 11.80 9.82 -22.85
CGC LBV C . 14.58 5.29 -18.11
CHB LBV C . 18.65 11.13 -24.73
CHC LBV C . 16.09 9.33 -20.82
CHD LBV C . 20.00 7.87 -18.25
CMA LBV C . 23.15 10.07 -26.71
CMB LBV C . 15.64 11.92 -25.17
CMC LBV C . 17.45 6.92 -16.53
CMD LBV C . 22.87 8.37 -17.14
N_A LBV C . 20.77 10.02 -23.90
O_A LBV C . 22.98 9.44 -23.78
N_B LBV C . 17.75 10.07 -22.59
N_C LBV C . 18.25 8.68 -19.86
N_D LBV C . 20.10 5.72 -16.94
O_D LBV C . 20.91 4.00 -15.61
C1A LBV D . -9.47 0.50 33.33
C1B LBV D . -7.92 -2.66 30.59
O1B LBV D . -6.55 -6.03 25.05
C1C LBV D . -7.36 -0.34 26.64
O1C LBV D . -10.12 -0.03 22.62
C1D LBV D . -7.93 4.41 26.51
C2A LBV D . -9.47 -0.12 34.70
C2B LBV D . -7.48 -3.99 30.12
O2B LBV D . -7.82 -7.38 26.22
C2C LBV D . -7.12 0.07 25.19
O2C LBV D . -8.20 0.29 21.49
C2D LBV D . -7.57 5.70 27.14
C3A LBV D . -8.98 -1.38 34.15
C3B LBV D . -7.21 -3.74 28.72
C3C LBV D . -7.23 1.51 25.27
C3D LBV D . -8.18 6.67 26.19
C4A LBV D . -8.72 -1.36 32.70
C4B LBV D . -7.55 -2.30 28.50
C4C LBV D . -7.57 1.79 26.73
C4D LBV D . -8.82 5.83 25.16
CAA LBV D . -8.68 -2.60 34.95
CAB LBV D . -6.76 -4.74 27.69
CAC LBV D . -6.83 -0.70 23.87
CAD LBV D . -8.21 8.15 26.29
CBA LBV D . -8.16 -2.47 36.35
CBB LBV D . -7.98 -5.13 26.81
CBC LBV D . -8.18 -1.26 23.32
CBD LBV D . -8.26 8.88 25.18
CGB LBV D . -7.45 -6.22 25.95
CGC LBV D . -8.89 -0.24 22.42
CHB LBV D . -8.24 -2.53 32.03
CHC LBV D . -7.34 -1.77 27.12
CHD LBV D . -7.56 3.16 27.17
CMA LBV D . -10.88 -0.16 35.31
CMB LBV D . -7.32 -5.24 30.93
CMC LBV D . -7.07 2.40 24.05
CMD LBV D . -6.79 5.91 28.41
N_A LBV D . -9.04 -0.16 32.15
O_A LBV D . -9.87 1.73 33.23
N_B LBV D . -7.96 -1.66 29.66
N_C LBV D . -7.58 0.69 27.54
N_D LBV D . -8.68 4.51 25.37
O_D LBV D . -9.45 6.35 24.14
#